data_5I73
#
_entry.id   5I73
#
_cell.length_a   129.850
_cell.length_b   163.210
_cell.length_c   140.470
_cell.angle_alpha   90.00
_cell.angle_beta   90.00
_cell.angle_gamma   90.00
#
_symmetry.space_group_name_H-M   'C 2 2 21'
#
loop_
_entity.id
_entity.type
_entity.pdbx_description
1 polymer 'Sodium-dependent serotonin transporter'
2 polymer '8B6 antibody, heavy chain'
3 polymer '8B6 antibody, light chain'
4 non-polymer (1S)-1-[3-(dimethylamino)propyl]-1-(4-fluorophenyl)-1,3-dihydro-2-benzofuran-5-carbonitrile
5 non-polymer 2-acetamido-2-deoxy-beta-D-glucopyranose
6 non-polymer CHOLESTEROL
7 non-polymer TETRADECANE
8 non-polymer 'SODIUM ION'
9 non-polymer '6-AMINOHEXANOIC ACID'
10 water water
#
loop_
_entity_poly.entity_id
_entity_poly.type
_entity_poly.pdbx_seq_one_letter_code
_entity_poly.pdbx_strand_id
1 'polypeptide(L)'
;GSQGERETWGKKVDFLLSVIGYAVDLGNVWRFPYICAQNGGGAFLLPYTIMAIFGGIPLFYMELALGQYHRNGCISIWRK
ICPIFKGIGYAICIIAFYIASYYNTIMAWALYYLISSFTDQLPWTSCKNSWNTGNCTNYFSEDNITWTLHSTSPAEEFYT
RHVLQIHRSKGLQDLGGISWQLALCIMLIFTVIYFSIWKGVKTSGKVVWVTATFPYIALSVLLVRGATLPGAWRGVLFYL
KPNWQKLLETGVWIDAAAQIFFSLGPGFGVLLAFASYNKFNNNCYQDALVTSVVNCMTSFVSGFVIFTVLGYMAEMRNED
VSEVAKDAGPSLLFITYAEAIANMPASTFFAIIFFLMLITLGLDSSFAGLEGVITAVLDEFPHVWAKRRERFVLAVVITC
FFGSLVTLTFGGAYVVKLLEEYATGPAVLTVALIEAVAVSWFYGITQFCRDVKEMLGFSPGWFWRICWVAISPLFLLFII
ASFLMSPPQLRLFQYNYPYWSIILGYAIGTSSFICIPTYIAYRLIITPGTFKERIIKSITPETPTLVPR
;
A
2 'polypeptide(L)'
;EVQLQQSGPELVKPGASVKISCKASGYTFTDYYMNWVKQSHGKSLEWIGNINPNNGGTSYNQKFKGKATLTVDKSSTTAY
MELRSLTSEDSAVYYCTRSPVRPYYFDYWGQGTTLTVSSAKTTPPSVYPLAPGCGDTTGSSVTLGCLVKGYFPESVTVTW
NSGSLSSSVHTFPALLQSGLYTMSSSVTVPSSTWPSQTVTCSVAHPASSTTVDKKLEPSGP
;
B
3 'polypeptide(L)'
;DIVMTQSHKFMSTSVGDRVSITCKASQDVSTAVAWYQQKPGQSPKLLIYSASYRYTGVPDRFTGSGSGTDFTFTISSVQA
EDLAVYYCQQHYSIPRTFGGGTKLEIKRADAAPTVSIFPPSSEQLTSGGASVVCFLNNFYPKDINVKWKIDGSERQNGVL
NSWTDQDSKDSTYSMSSTLTLTKDEYERHNSYTCEATHKTSTSPIVKSFNRNEC
;
C
#
# COMPACT_ATOMS: atom_id res chain seq x y z
N GLY A 4 2.05 -40.77 -25.01
CA GLY A 4 2.92 -41.83 -24.55
C GLY A 4 3.83 -41.45 -23.38
N GLU A 5 4.91 -40.73 -23.69
CA GLU A 5 5.91 -40.40 -22.69
C GLU A 5 6.01 -38.89 -22.46
N ARG A 6 6.81 -38.50 -21.48
CA ARG A 6 7.02 -37.09 -21.16
C ARG A 6 8.38 -36.63 -21.70
N GLU A 7 8.74 -35.40 -21.37
CA GLU A 7 9.99 -34.82 -21.84
C GLU A 7 11.13 -35.06 -20.85
N THR A 8 12.32 -34.55 -21.20
CA THR A 8 13.50 -34.71 -20.34
C THR A 8 14.32 -33.42 -20.32
N TRP A 9 15.51 -33.50 -19.74
CA TRP A 9 16.40 -32.34 -19.66
C TRP A 9 17.27 -32.23 -20.90
N GLY A 10 17.52 -30.99 -21.32
CA GLY A 10 18.38 -30.74 -22.47
C GLY A 10 19.83 -31.11 -22.18
N LYS A 11 20.21 -31.00 -20.92
CA LYS A 11 21.55 -31.34 -20.48
C LYS A 11 21.60 -31.50 -18.96
N LYS A 12 22.49 -32.31 -18.46
CA LYS A 12 22.43 -32.63 -17.05
C LYS A 12 22.55 -31.32 -16.32
N VAL A 13 23.38 -30.43 -16.81
CA VAL A 13 23.67 -29.23 -16.07
C VAL A 13 22.44 -28.39 -15.83
N ASP A 14 21.57 -28.25 -16.83
CA ASP A 14 20.53 -27.25 -16.72
C ASP A 14 19.68 -27.56 -15.52
N PHE A 15 19.28 -28.80 -15.38
CA PHE A 15 18.58 -29.20 -14.19
C PHE A 15 19.51 -29.12 -13.01
N LEU A 16 20.75 -29.51 -13.24
CA LEU A 16 21.67 -29.54 -12.14
C LEU A 16 21.81 -28.14 -11.59
N LEU A 17 21.98 -27.16 -12.46
CA LEU A 17 22.00 -25.78 -12.00
C LEU A 17 20.62 -25.41 -11.51
N SER A 18 19.64 -25.78 -12.30
CA SER A 18 18.27 -25.35 -12.08
C SER A 18 17.85 -25.61 -10.63
N VAL A 19 18.24 -26.76 -10.09
CA VAL A 19 17.92 -27.09 -8.71
C VAL A 19 18.70 -26.18 -7.75
N ILE A 20 19.93 -25.83 -8.14
CA ILE A 20 20.74 -24.90 -7.36
C ILE A 20 20.10 -23.52 -7.43
N GLY A 21 19.61 -23.16 -8.61
CA GLY A 21 18.90 -21.91 -8.80
C GLY A 21 17.66 -21.85 -7.94
N TYR A 22 17.06 -23.01 -7.70
CA TYR A 22 15.91 -23.11 -6.80
C TYR A 22 16.32 -22.91 -5.35
N ALA A 23 17.39 -23.60 -4.95
CA ALA A 23 17.83 -23.60 -3.55
C ALA A 23 18.36 -22.24 -3.10
N VAL A 24 19.18 -21.61 -3.94
CA VAL A 24 19.80 -20.34 -3.58
C VAL A 24 18.87 -19.17 -3.85
N ASP A 25 18.81 -18.35 -2.74
CA ASP A 25 17.91 -17.21 -2.77
C ASP A 25 18.30 -16.06 -1.85
N LEU A 26 17.33 -15.25 -1.55
CA LEU A 26 17.64 -14.09 -0.72
C LEU A 26 17.99 -14.51 0.70
N GLY A 27 17.29 -15.51 1.23
CA GLY A 27 17.54 -16.00 2.57
C GLY A 27 18.98 -16.42 2.79
N ASN A 28 19.56 -17.03 1.75
CA ASN A 28 20.96 -17.44 1.75
C ASN A 28 21.90 -16.24 1.90
N VAL A 29 21.45 -15.09 1.39
CA VAL A 29 22.28 -13.89 1.35
C VAL A 29 22.28 -13.12 2.67
N TRP A 30 21.10 -12.83 3.20
CA TRP A 30 21.01 -11.97 4.39
C TRP A 30 20.56 -12.70 5.65
N ARG A 31 19.83 -13.79 5.48
CA ARG A 31 19.24 -14.48 6.63
C ARG A 31 20.28 -15.27 7.41
N PHE A 32 21.07 -16.08 6.70
CA PHE A 32 22.11 -16.89 7.31
C PHE A 32 23.19 -16.08 8.05
N PRO A 33 23.67 -14.96 7.46
CA PRO A 33 24.70 -14.20 8.20
C PRO A 33 24.24 -13.66 9.54
N TYR A 34 23.01 -13.17 9.61
CA TYR A 34 22.48 -12.61 10.87
C TYR A 34 22.32 -13.68 11.93
N ILE A 35 21.55 -14.72 11.61
CA ILE A 35 21.28 -15.79 12.55
C ILE A 35 22.57 -16.51 12.93
N CYS A 36 23.55 -16.46 12.04
CA CYS A 36 24.86 -17.04 12.30
C CYS A 36 25.65 -16.16 13.26
N ALA A 37 25.47 -14.85 13.14
CA ALA A 37 26.23 -13.89 13.94
C ALA A 37 25.70 -13.76 15.36
N GLN A 38 24.38 -13.85 15.52
CA GLN A 38 23.78 -13.63 16.83
C GLN A 38 23.69 -14.92 17.64
N ASN A 39 23.95 -16.06 17.00
CA ASN A 39 23.88 -17.34 17.69
C ASN A 39 25.31 -17.88 17.61
N GLY A 40 26.15 -17.46 18.54
CA GLY A 40 27.50 -17.99 18.64
C GLY A 40 28.58 -17.62 17.66
N GLY A 41 28.21 -16.88 16.61
CA GLY A 41 29.16 -16.50 15.59
C GLY A 41 29.62 -17.71 14.79
N GLY A 42 30.93 -17.84 14.62
CA GLY A 42 31.51 -18.96 13.90
C GLY A 42 31.14 -20.31 14.49
N ALA A 43 30.89 -20.33 15.80
CA ALA A 43 30.48 -21.54 16.49
C ALA A 43 29.19 -22.09 15.91
N PHE A 44 28.35 -21.19 15.40
CA PHE A 44 27.08 -21.58 14.79
C PHE A 44 27.29 -22.52 13.60
N LEU A 45 28.52 -22.56 13.09
CA LEU A 45 28.85 -23.47 12.00
C LEU A 45 28.75 -24.94 12.42
N LEU A 46 28.89 -25.19 13.72
CA LEU A 46 28.85 -26.57 14.24
C LEU A 46 27.43 -27.16 14.22
N PRO A 47 26.43 -26.48 14.82
CA PRO A 47 25.10 -27.12 14.76
C PRO A 47 24.43 -26.97 13.39
N TYR A 48 24.93 -26.04 12.58
CA TYR A 48 24.34 -25.79 11.26
C TYR A 48 24.58 -26.98 10.33
N THR A 49 25.73 -27.63 10.49
CA THR A 49 26.09 -28.76 9.67
C THR A 49 25.44 -30.05 10.17
N ILE A 50 25.40 -30.20 11.50
CA ILE A 50 24.81 -31.38 12.13
C ILE A 50 23.33 -31.51 11.74
N MET A 51 22.63 -30.37 11.72
CA MET A 51 21.23 -30.36 11.34
C MET A 51 21.06 -30.57 9.84
N ALA A 52 22.14 -30.39 9.09
CA ALA A 52 22.11 -30.59 7.64
C ALA A 52 22.32 -32.07 7.32
N ILE A 53 23.44 -32.61 7.81
CA ILE A 53 23.82 -33.99 7.54
C ILE A 53 22.75 -34.98 8.01
N PHE A 54 22.19 -34.73 9.18
CA PHE A 54 21.22 -35.65 9.77
C PHE A 54 19.79 -35.31 9.37
N GLY A 55 19.53 -34.03 9.11
CA GLY A 55 18.18 -33.58 8.82
C GLY A 55 17.81 -32.98 7.47
N GLY A 56 18.76 -32.29 6.86
CA GLY A 56 18.49 -31.57 5.62
C GLY A 56 18.83 -32.47 4.44
N ILE A 57 20.04 -33.02 4.44
CA ILE A 57 20.51 -33.86 3.34
C ILE A 57 19.65 -35.11 3.12
N PRO A 58 19.27 -35.84 4.19
CA PRO A 58 18.44 -37.03 3.92
C PRO A 58 17.08 -36.69 3.33
N LEU A 59 16.54 -35.53 3.67
CA LEU A 59 15.24 -35.10 3.13
C LEU A 59 15.40 -34.61 1.69
N PHE A 60 16.53 -33.98 1.41
CA PHE A 60 16.81 -33.46 0.08
C PHE A 60 17.01 -34.62 -0.90
N TYR A 61 17.76 -35.63 -0.47
CA TYR A 61 18.06 -36.79 -1.29
C TYR A 61 16.85 -37.72 -1.40
N MET A 62 16.15 -37.89 -0.28
CA MET A 62 14.96 -38.74 -0.25
C MET A 62 13.85 -38.12 -1.09
N GLU A 63 13.78 -36.79 -1.10
CA GLU A 63 12.82 -36.07 -1.91
C GLU A 63 13.24 -36.08 -3.38
N LEU A 64 14.55 -36.06 -3.61
CA LEU A 64 15.09 -35.97 -4.96
C LEU A 64 15.08 -37.32 -5.68
N ALA A 65 15.00 -38.40 -4.91
CA ALA A 65 15.03 -39.75 -5.49
C ALA A 65 13.67 -40.17 -6.02
N LEU A 66 12.63 -39.93 -5.23
CA LEU A 66 11.27 -40.32 -5.60
C LEU A 66 10.83 -39.67 -6.91
N GLY A 67 11.24 -38.43 -7.12
CA GLY A 67 10.90 -37.70 -8.33
C GLY A 67 11.52 -38.31 -9.58
N GLN A 68 12.74 -38.81 -9.44
CA GLN A 68 13.44 -39.39 -10.58
C GLN A 68 13.09 -40.87 -10.74
N TYR A 69 12.43 -41.42 -9.72
CA TYR A 69 12.00 -42.82 -9.79
C TYR A 69 10.60 -42.95 -10.39
N HIS A 70 9.63 -42.28 -9.77
CA HIS A 70 8.24 -42.38 -10.23
C HIS A 70 7.96 -41.49 -11.43
N ARG A 71 8.75 -40.44 -11.58
CA ARG A 71 8.59 -39.46 -12.65
C ARG A 71 7.17 -38.89 -12.70
N ASN A 72 6.61 -38.62 -11.53
CA ASN A 72 5.26 -38.07 -11.43
C ASN A 72 5.27 -36.72 -10.72
N GLY A 73 4.16 -35.99 -10.81
CA GLY A 73 4.04 -34.70 -10.18
C GLY A 73 3.89 -34.78 -8.67
N CYS A 74 3.54 -33.67 -8.05
CA CYS A 74 3.37 -33.62 -6.60
C CYS A 74 2.07 -34.28 -6.17
N ILE A 75 1.17 -34.48 -7.14
CA ILE A 75 -0.16 -35.01 -6.85
C ILE A 75 -0.27 -36.46 -7.28
N SER A 76 0.14 -36.75 -8.51
CA SER A 76 -0.03 -38.07 -9.09
C SER A 76 0.93 -39.11 -8.51
N ILE A 77 1.95 -38.65 -7.78
CA ILE A 77 2.92 -39.57 -7.20
C ILE A 77 2.32 -40.23 -5.96
N TRP A 78 1.31 -39.60 -5.37
CA TRP A 78 0.65 -40.15 -4.19
C TRP A 78 -0.34 -41.24 -4.59
N ARG A 79 -0.86 -41.14 -5.81
CA ARG A 79 -1.76 -42.16 -6.33
C ARG A 79 -1.03 -43.49 -6.48
N LYS A 80 0.29 -43.41 -6.63
CA LYS A 80 1.12 -44.60 -6.79
C LYS A 80 1.74 -45.03 -5.46
N ILE A 81 1.50 -44.25 -4.41
CA ILE A 81 2.03 -44.56 -3.09
C ILE A 81 0.89 -44.69 -2.08
N CYS A 82 0.38 -43.56 -1.62
CA CYS A 82 -0.73 -43.53 -0.66
C CYS A 82 -1.76 -42.52 -1.12
N PRO A 83 -2.81 -43.00 -1.83
CA PRO A 83 -3.84 -42.16 -2.45
C PRO A 83 -4.52 -41.20 -1.48
N ILE A 84 -4.71 -41.62 -0.24
CA ILE A 84 -5.36 -40.78 0.76
C ILE A 84 -4.54 -39.54 1.04
N PHE A 85 -3.22 -39.66 0.93
CA PHE A 85 -2.33 -38.53 1.15
C PHE A 85 -2.18 -37.69 -0.11
N LYS A 86 -2.98 -38.01 -1.11
CA LYS A 86 -2.97 -37.30 -2.38
C LYS A 86 -3.33 -35.84 -2.18
N GLY A 87 -4.13 -35.57 -1.14
CA GLY A 87 -4.48 -34.21 -0.76
C GLY A 87 -3.27 -33.34 -0.51
N ILE A 88 -2.17 -33.97 -0.10
CA ILE A 88 -0.89 -33.30 0.06
C ILE A 88 -0.56 -32.54 -1.22
N GLY A 89 -0.62 -33.25 -2.34
CA GLY A 89 -0.35 -32.66 -3.65
C GLY A 89 -1.20 -31.44 -3.93
N TYR A 90 -2.39 -31.41 -3.36
CA TYR A 90 -3.27 -30.25 -3.50
C TYR A 90 -2.87 -29.15 -2.52
N ALA A 91 -2.60 -29.56 -1.27
CA ALA A 91 -2.26 -28.63 -0.21
C ALA A 91 -1.11 -27.73 -0.63
N ILE A 92 -0.01 -28.37 -1.07
CA ILE A 92 1.16 -27.67 -1.59
C ILE A 92 0.73 -26.59 -2.58
N CYS A 93 -0.11 -26.97 -3.53
CA CYS A 93 -0.63 -26.04 -4.52
C CYS A 93 -1.19 -24.79 -3.84
N ILE A 94 -2.13 -25.00 -2.92
CA ILE A 94 -2.74 -23.90 -2.18
C ILE A 94 -1.62 -23.12 -1.49
N ILE A 95 -0.71 -23.86 -0.87
CA ILE A 95 0.45 -23.27 -0.20
C ILE A 95 1.17 -22.33 -1.15
N ALA A 96 1.43 -22.82 -2.37
CA ALA A 96 2.13 -22.04 -3.38
C ALA A 96 1.41 -20.72 -3.62
N PHE A 97 0.09 -20.78 -3.68
CA PHE A 97 -0.71 -19.59 -3.96
C PHE A 97 -0.47 -18.50 -2.93
N TYR A 98 -0.19 -18.90 -1.70
CA TYR A 98 0.12 -17.95 -0.65
C TYR A 98 1.55 -17.46 -0.82
N ILE A 99 2.45 -18.40 -1.09
CA ILE A 99 3.88 -18.12 -1.19
C ILE A 99 4.15 -17.10 -2.28
N ALA A 100 3.54 -17.31 -3.44
CA ALA A 100 3.75 -16.43 -4.59
C ALA A 100 3.09 -15.08 -4.37
N SER A 101 2.37 -14.93 -3.26
CA SER A 101 1.66 -13.69 -2.97
C SER A 101 2.60 -12.60 -2.44
N TYR A 102 3.74 -13.01 -1.91
CA TYR A 102 4.68 -12.05 -1.31
C TYR A 102 6.12 -12.23 -1.79
N TYR A 103 6.44 -13.42 -2.28
CA TYR A 103 7.81 -13.74 -2.68
C TYR A 103 8.27 -12.92 -3.88
N ASN A 104 7.33 -12.46 -4.68
CA ASN A 104 7.65 -11.71 -5.89
C ASN A 104 7.66 -10.20 -5.65
N THR A 105 6.97 -9.77 -4.60
CA THR A 105 6.90 -8.34 -4.27
C THR A 105 8.24 -7.84 -3.76
N ILE A 106 9.04 -8.74 -3.19
CA ILE A 106 10.38 -8.40 -2.74
C ILE A 106 11.24 -8.08 -3.97
N MET A 107 11.13 -8.93 -4.98
CA MET A 107 11.80 -8.70 -6.24
C MET A 107 11.25 -7.45 -6.93
N ALA A 108 10.01 -7.12 -6.62
CA ALA A 108 9.40 -5.90 -7.15
C ALA A 108 10.04 -4.68 -6.51
N TRP A 109 10.34 -4.80 -5.22
CA TRP A 109 11.06 -3.76 -4.49
C TRP A 109 12.46 -3.59 -5.08
N ALA A 110 13.15 -4.72 -5.26
CA ALA A 110 14.51 -4.71 -5.79
C ALA A 110 14.54 -4.16 -7.22
N LEU A 111 13.44 -4.38 -7.95
CA LEU A 111 13.34 -3.91 -9.32
C LEU A 111 13.06 -2.42 -9.35
N TYR A 112 12.23 -1.95 -8.42
CA TYR A 112 11.95 -0.53 -8.29
C TYR A 112 13.22 0.20 -7.86
N TYR A 113 14.08 -0.51 -7.13
CA TYR A 113 15.38 0.02 -6.75
C TYR A 113 16.34 0.02 -7.93
N LEU A 114 16.22 -1.00 -8.79
CA LEU A 114 17.10 -1.13 -9.94
C LEU A 114 16.82 -0.05 -10.98
N ILE A 115 15.54 0.20 -11.24
CA ILE A 115 15.15 1.20 -12.22
C ILE A 115 15.40 2.61 -11.70
N SER A 116 15.53 2.72 -10.38
CA SER A 116 15.82 4.01 -9.75
C SER A 116 17.31 4.18 -9.55
N SER A 117 18.09 3.22 -10.04
CA SER A 117 19.53 3.24 -9.89
C SER A 117 20.23 3.53 -11.23
N PHE A 118 19.51 4.19 -12.13
CA PHE A 118 20.07 4.56 -13.43
C PHE A 118 20.42 6.05 -13.47
N THR A 119 20.20 6.73 -12.35
CA THR A 119 20.50 8.16 -12.25
C THR A 119 21.94 8.36 -11.78
N ASP A 120 22.58 9.44 -12.24
CA ASP A 120 23.94 9.74 -11.86
C ASP A 120 24.05 9.99 -10.35
N GLN A 121 22.98 10.52 -9.76
CA GLN A 121 22.92 10.72 -8.32
C GLN A 121 21.80 9.88 -7.72
N LEU A 122 22.19 8.93 -6.87
CA LEU A 122 21.25 7.98 -6.28
C LEU A 122 20.29 8.68 -5.32
N PRO A 123 19.00 8.31 -5.39
CA PRO A 123 17.91 8.92 -4.62
C PRO A 123 18.10 8.88 -3.10
N TRP A 124 18.55 7.75 -2.57
CA TRP A 124 18.67 7.57 -1.12
C TRP A 124 19.92 8.19 -0.51
N THR A 125 20.57 9.08 -1.25
CA THR A 125 21.79 9.72 -0.79
C THR A 125 21.50 11.09 -0.20
N SER A 126 20.63 11.84 -0.86
CA SER A 126 20.28 13.19 -0.41
C SER A 126 18.92 13.22 0.27
N CYS A 127 18.70 14.25 1.08
CA CYS A 127 17.42 14.42 1.78
C CYS A 127 16.50 15.36 1.02
N LYS A 128 17.01 15.97 -0.04
CA LYS A 128 16.23 16.91 -0.84
C LYS A 128 15.33 16.18 -1.83
N ASN A 129 14.31 15.52 -1.31
CA ASN A 129 13.35 14.80 -2.16
C ASN A 129 11.92 15.17 -1.79
N SER A 130 10.96 14.53 -2.46
CA SER A 130 9.55 14.83 -2.24
C SER A 130 8.91 13.85 -1.26
N TRP A 131 9.72 12.96 -0.70
CA TRP A 131 9.21 11.97 0.24
C TRP A 131 9.91 12.05 1.59
N ASN A 132 11.04 12.74 1.64
CA ASN A 132 11.79 12.90 2.88
C ASN A 132 11.08 13.86 3.83
N THR A 133 11.44 13.79 5.10
CA THR A 133 10.82 14.65 6.12
C THR A 133 11.87 15.54 6.76
N GLY A 134 11.45 16.30 7.76
CA GLY A 134 12.35 17.19 8.49
C GLY A 134 13.38 16.46 9.33
N ASN A 135 13.12 15.19 9.61
CA ASN A 135 14.02 14.38 10.40
C ASN A 135 15.23 13.90 9.59
N CYS A 136 15.01 13.94 8.25
CA CYS A 136 16.02 13.39 7.35
C CYS A 136 17.37 14.07 7.52
N THR A 137 18.31 13.31 7.77
CA THR A 137 19.67 13.80 7.91
C THR A 137 20.65 12.88 7.21
N ASN A 138 21.45 13.41 6.30
CA ASN A 138 22.37 12.61 5.50
C ASN A 138 23.80 13.03 5.80
N TYR A 139 24.74 12.42 5.09
CA TYR A 139 26.15 12.76 5.19
C TYR A 139 26.55 13.66 4.02
N PHE A 140 27.83 14.01 3.97
CA PHE A 140 28.31 15.16 3.19
C PHE A 140 27.61 16.44 3.65
N SER A 141 27.18 16.44 4.91
CA SER A 141 26.49 17.54 5.56
C SER A 141 27.37 18.07 6.70
N GLU A 142 26.81 18.98 7.49
CA GLU A 142 27.51 19.52 8.65
C GLU A 142 28.00 18.40 9.55
N ASP A 143 29.18 18.59 10.12
CA ASP A 143 29.74 17.63 11.06
C ASP A 143 29.11 17.83 12.44
N ASN A 144 29.59 17.08 13.43
CA ASN A 144 29.18 17.13 14.83
C ASN A 144 27.75 16.60 15.04
N ILE A 145 27.03 16.27 13.94
CA ILE A 145 25.62 15.90 14.04
C ILE A 145 25.43 14.78 15.05
N THR A 146 24.35 14.92 15.75
CA THR A 146 24.02 13.92 16.76
C THR A 146 22.63 13.35 16.50
N TRP A 147 22.60 11.98 16.62
CA TRP A 147 21.36 11.32 16.24
C TRP A 147 20.29 11.48 17.32
N THR A 148 19.03 11.59 16.88
CA THR A 148 17.91 11.78 17.79
C THR A 148 16.96 10.60 17.67
N LEU A 149 16.10 10.42 18.67
CA LEU A 149 15.13 9.33 18.68
C LEU A 149 14.17 9.38 17.49
N HIS A 150 13.92 10.58 16.99
CA HIS A 150 12.98 10.77 15.88
C HIS A 150 13.69 10.89 14.54
N SER A 151 15.01 11.06 14.58
CA SER A 151 15.79 11.24 13.37
C SER A 151 15.82 9.97 12.51
N THR A 152 15.90 10.15 11.20
CA THR A 152 15.97 9.04 10.26
C THR A 152 17.02 9.28 9.19
N SER A 153 17.42 8.21 8.50
CA SER A 153 18.42 8.29 7.45
C SER A 153 17.74 8.34 6.07
N PRO A 154 18.39 8.97 5.08
CA PRO A 154 17.81 9.12 3.74
C PRO A 154 17.49 7.79 3.07
N ALA A 155 18.25 6.74 3.39
CA ALA A 155 17.98 5.41 2.87
C ALA A 155 16.72 4.85 3.52
N GLU A 156 16.63 5.00 4.84
CA GLU A 156 15.47 4.58 5.60
C GLU A 156 14.23 5.35 5.15
N GLU A 157 14.39 6.62 4.87
CA GLU A 157 13.26 7.35 4.35
C GLU A 157 12.88 6.85 2.98
N PHE A 158 13.88 6.60 2.14
CA PHE A 158 13.60 6.17 0.77
C PHE A 158 12.85 4.85 0.74
N TYR A 159 13.28 3.91 1.57
CA TYR A 159 12.59 2.62 1.64
C TYR A 159 11.23 2.77 2.29
N THR A 160 11.18 3.53 3.37
CA THR A 160 9.97 3.65 4.18
C THR A 160 8.86 4.44 3.51
N ARG A 161 9.20 5.61 2.98
CA ARG A 161 8.19 6.57 2.54
C ARG A 161 7.99 6.65 1.02
N HIS A 162 8.88 6.03 0.25
CA HIS A 162 8.78 6.12 -1.19
C HIS A 162 8.32 4.80 -1.82
N VAL A 163 9.22 3.83 -1.90
CA VAL A 163 8.92 2.57 -2.57
C VAL A 163 7.86 1.78 -1.80
N LEU A 164 8.11 1.48 -0.53
CA LEU A 164 7.15 0.73 0.27
C LEU A 164 5.95 1.59 0.61
N GLN A 165 6.22 2.87 0.91
CA GLN A 165 5.18 3.84 1.27
C GLN A 165 4.34 3.31 2.43
N ILE A 166 5.02 2.89 3.48
CA ILE A 166 4.38 2.20 4.60
C ILE A 166 3.80 3.20 5.61
N HIS A 167 4.16 4.48 5.44
CA HIS A 167 3.68 5.52 6.34
C HIS A 167 2.23 5.87 6.04
N ARG A 168 1.72 5.40 4.91
CA ARG A 168 0.36 5.70 4.49
C ARG A 168 -0.62 4.67 5.05
N SER A 169 -0.10 3.73 5.84
CA SER A 169 -0.92 2.69 6.46
C SER A 169 -0.71 2.67 7.97
N LYS A 170 -1.78 2.37 8.70
CA LYS A 170 -1.71 2.32 10.16
C LYS A 170 -1.43 0.90 10.64
N GLY A 171 -1.28 -0.03 9.70
CA GLY A 171 -1.01 -1.41 10.03
C GLY A 171 -1.87 -2.40 9.28
N LEU A 172 -2.13 -3.54 9.90
CA LEU A 172 -2.96 -4.58 9.29
C LEU A 172 -4.41 -4.12 9.15
N GLN A 173 -4.82 -3.21 10.04
CA GLN A 173 -6.18 -2.69 10.03
C GLN A 173 -6.52 -1.85 8.80
N ASP A 174 -5.76 -0.77 8.59
CA ASP A 174 -5.90 0.05 7.41
C ASP A 174 -4.59 0.05 6.61
N LEU A 175 -4.60 -0.63 5.47
CA LEU A 175 -3.39 -0.76 4.65
C LEU A 175 -3.62 -0.30 3.22
N GLY A 176 -4.87 -0.28 2.78
CA GLY A 176 -5.19 0.12 1.43
C GLY A 176 -4.86 1.58 1.42
N GLY A 177 -4.54 2.17 0.27
CA GLY A 177 -4.75 1.60 -1.05
C GLY A 177 -3.59 0.80 -1.60
N ILE A 178 -3.60 0.62 -2.92
CA ILE A 178 -2.59 -0.16 -3.62
C ILE A 178 -1.66 0.73 -4.41
N SER A 179 -0.37 0.42 -4.37
CA SER A 179 0.61 1.20 -5.12
C SER A 179 0.75 0.64 -6.53
N TRP A 180 0.64 1.51 -7.54
CA TRP A 180 0.66 1.08 -8.93
C TRP A 180 2.07 0.83 -9.44
N GLN A 181 3.06 1.49 -8.85
CA GLN A 181 4.45 1.33 -9.25
C GLN A 181 4.91 -0.11 -9.06
N LEU A 182 4.77 -0.60 -7.84
CA LEU A 182 5.16 -1.97 -7.51
C LEU A 182 4.28 -2.98 -8.23
N ALA A 183 3.10 -2.54 -8.62
CA ALA A 183 2.21 -3.38 -9.42
C ALA A 183 2.79 -3.56 -10.81
N LEU A 184 3.29 -2.48 -11.38
CA LEU A 184 3.94 -2.53 -12.70
C LEU A 184 5.23 -3.36 -12.62
N CYS A 185 5.99 -3.17 -11.55
CA CYS A 185 7.23 -3.92 -11.36
C CYS A 185 6.94 -5.42 -11.26
N ILE A 186 5.98 -5.78 -10.41
CA ILE A 186 5.64 -7.17 -10.19
C ILE A 186 4.97 -7.76 -11.44
N MET A 187 4.43 -6.89 -12.29
CA MET A 187 3.88 -7.32 -13.56
C MET A 187 5.00 -7.67 -14.53
N LEU A 188 6.03 -6.84 -14.56
CA LEU A 188 7.21 -7.10 -15.37
C LEU A 188 7.90 -8.38 -14.93
N ILE A 189 7.90 -8.62 -13.63
CA ILE A 189 8.49 -9.83 -13.07
C ILE A 189 7.64 -11.04 -13.39
N PHE A 190 6.33 -10.88 -13.30
CA PHE A 190 5.40 -11.95 -13.64
C PHE A 190 5.41 -12.22 -15.14
N THR A 191 6.01 -11.31 -15.90
CA THR A 191 6.17 -11.49 -17.33
C THR A 191 7.51 -12.18 -17.63
N VAL A 192 8.53 -11.84 -16.86
CA VAL A 192 9.86 -12.40 -17.07
C VAL A 192 9.94 -13.84 -16.58
N ILE A 193 8.98 -14.24 -15.75
CA ILE A 193 8.92 -15.62 -15.28
C ILE A 193 8.01 -16.42 -16.20
N TYR A 194 7.17 -15.72 -16.96
CA TYR A 194 6.27 -16.35 -17.90
C TYR A 194 7.04 -16.92 -19.08
N PHE A 195 7.96 -16.11 -19.62
CA PHE A 195 8.73 -16.51 -20.80
C PHE A 195 9.85 -17.49 -20.46
N SER A 196 9.95 -17.86 -19.19
CA SER A 196 10.95 -18.82 -18.74
C SER A 196 10.37 -20.19 -18.41
N ILE A 197 9.06 -20.23 -18.21
CA ILE A 197 8.37 -21.46 -17.83
C ILE A 197 7.40 -21.99 -18.88
N TRP A 198 6.82 -21.09 -19.66
CA TRP A 198 5.75 -21.44 -20.60
C TRP A 198 6.14 -22.50 -21.63
N LYS A 199 7.43 -22.54 -22.00
CA LYS A 199 7.90 -23.51 -22.97
C LYS A 199 8.31 -24.81 -22.28
N GLY A 200 8.04 -24.89 -20.98
CA GLY A 200 8.31 -26.09 -20.23
C GLY A 200 9.68 -26.12 -19.54
N VAL A 201 10.30 -27.28 -19.55
CA VAL A 201 11.59 -27.46 -18.89
C VAL A 201 12.74 -27.12 -19.84
N LYS A 202 12.40 -26.76 -21.07
CA LYS A 202 13.40 -26.40 -22.06
C LYS A 202 13.99 -25.02 -21.77
N THR A 203 13.12 -24.05 -21.49
CA THR A 203 13.57 -22.70 -21.21
C THR A 203 13.95 -22.52 -19.74
N SER A 204 13.27 -23.25 -18.86
CA SER A 204 13.54 -23.16 -17.43
C SER A 204 14.94 -23.68 -17.10
N GLY A 205 15.50 -24.45 -18.03
CA GLY A 205 16.86 -24.93 -17.89
C GLY A 205 17.83 -24.09 -18.70
N LYS A 206 17.30 -23.18 -19.50
CA LYS A 206 18.12 -22.30 -20.32
C LYS A 206 18.22 -20.90 -19.71
N VAL A 207 17.10 -20.40 -19.21
CA VAL A 207 17.08 -19.09 -18.55
C VAL A 207 17.87 -19.16 -17.25
N VAL A 208 17.79 -20.32 -16.60
CA VAL A 208 18.48 -20.56 -15.33
C VAL A 208 19.98 -20.24 -15.47
N TRP A 209 20.54 -20.57 -16.64
CA TRP A 209 21.95 -20.30 -16.94
C TRP A 209 22.37 -18.87 -16.58
N VAL A 210 21.44 -17.93 -16.73
CA VAL A 210 21.73 -16.53 -16.44
C VAL A 210 21.39 -16.20 -14.99
N THR A 211 20.31 -16.78 -14.48
CA THR A 211 19.79 -16.39 -13.17
C THR A 211 20.53 -17.03 -12.01
N ALA A 212 21.25 -18.11 -12.29
CA ALA A 212 21.92 -18.86 -11.22
C ALA A 212 23.41 -18.59 -11.16
N THR A 213 23.96 -18.00 -12.21
CA THR A 213 25.39 -17.76 -12.29
C THR A 213 25.78 -16.32 -11.95
N PHE A 214 24.88 -15.38 -12.28
CA PHE A 214 25.12 -13.96 -12.00
C PHE A 214 25.31 -13.61 -10.52
N PRO A 215 24.46 -14.17 -9.61
CA PRO A 215 24.64 -13.81 -8.20
C PRO A 215 26.03 -14.11 -7.63
N TYR A 216 26.71 -15.12 -8.16
CA TYR A 216 28.05 -15.46 -7.67
C TYR A 216 29.08 -14.44 -8.13
N ILE A 217 28.93 -13.97 -9.36
CA ILE A 217 29.79 -12.92 -9.89
C ILE A 217 29.59 -11.64 -9.09
N ALA A 218 28.33 -11.30 -8.86
CA ALA A 218 27.99 -10.10 -8.08
C ALA A 218 28.52 -10.20 -6.66
N LEU A 219 28.40 -11.38 -6.05
CA LEU A 219 28.91 -11.62 -4.71
C LEU A 219 30.43 -11.55 -4.67
N SER A 220 31.06 -11.92 -5.77
CA SER A 220 32.52 -11.83 -5.88
C SER A 220 32.96 -10.37 -5.92
N VAL A 221 32.30 -9.59 -6.78
CA VAL A 221 32.61 -8.17 -6.90
C VAL A 221 32.39 -7.45 -5.58
N LEU A 222 31.24 -7.69 -4.96
CA LEU A 222 30.91 -7.09 -3.68
C LEU A 222 31.83 -7.60 -2.57
N LEU A 223 32.39 -8.78 -2.77
CA LEU A 223 33.30 -9.38 -1.80
C LEU A 223 34.66 -8.71 -1.84
N VAL A 224 35.19 -8.51 -3.04
CA VAL A 224 36.46 -7.82 -3.20
C VAL A 224 36.30 -6.38 -2.73
N ARG A 225 35.23 -5.73 -3.21
CA ARG A 225 34.91 -4.37 -2.83
C ARG A 225 34.81 -4.22 -1.31
N GLY A 226 34.06 -5.09 -0.67
CA GLY A 226 33.89 -5.05 0.77
C GLY A 226 35.15 -5.38 1.52
N ALA A 227 36.01 -6.18 0.90
CA ALA A 227 37.28 -6.58 1.51
C ALA A 227 38.26 -5.42 1.48
N THR A 228 38.19 -4.61 0.43
CA THR A 228 39.08 -3.45 0.32
C THR A 228 38.64 -2.31 1.24
N LEU A 229 37.41 -2.37 1.74
CA LEU A 229 36.88 -1.33 2.60
C LEU A 229 37.58 -1.32 3.96
N PRO A 230 37.86 -0.12 4.49
CA PRO A 230 38.55 0.05 5.78
C PRO A 230 37.69 -0.37 6.97
N GLY A 231 38.31 -1.03 7.95
CA GLY A 231 37.61 -1.46 9.14
C GLY A 231 36.57 -2.54 8.90
N ALA A 232 36.77 -3.31 7.83
CA ALA A 232 35.84 -4.37 7.48
C ALA A 232 36.08 -5.62 8.32
N TRP A 233 37.14 -5.60 9.12
CA TRP A 233 37.50 -6.73 9.95
C TRP A 233 36.60 -6.84 11.18
N ARG A 234 35.85 -5.77 11.47
CA ARG A 234 34.96 -5.75 12.62
C ARG A 234 33.74 -6.64 12.37
N GLY A 235 33.19 -6.56 11.17
CA GLY A 235 32.06 -7.37 10.80
C GLY A 235 32.42 -8.83 10.64
N VAL A 236 33.64 -9.09 10.19
CA VAL A 236 34.11 -10.46 10.04
C VAL A 236 34.41 -11.05 11.41
N LEU A 237 34.95 -10.22 12.30
CA LEU A 237 35.22 -10.63 13.67
C LEU A 237 33.93 -10.97 14.39
N PHE A 238 32.98 -10.03 14.37
CA PHE A 238 31.67 -10.22 14.98
C PHE A 238 30.92 -11.38 14.31
N TYR A 239 31.27 -11.64 13.05
CA TYR A 239 30.63 -12.68 12.26
C TYR A 239 31.20 -14.06 12.54
N LEU A 240 32.43 -14.10 13.07
CA LEU A 240 33.10 -15.37 13.31
C LEU A 240 33.54 -15.56 14.77
N LYS A 241 33.27 -14.57 15.62
CA LYS A 241 33.65 -14.66 17.02
C LYS A 241 32.92 -15.79 17.72
N PRO A 242 33.67 -16.78 18.22
CA PRO A 242 33.11 -17.96 18.87
C PRO A 242 32.42 -17.65 20.20
N ASN A 243 31.15 -18.03 20.31
CA ASN A 243 30.42 -17.91 21.56
C ASN A 243 29.79 -19.27 21.92
N TRP A 244 30.63 -20.18 22.41
CA TRP A 244 30.25 -21.57 22.61
C TRP A 244 29.11 -21.73 23.60
N GLN A 245 28.96 -20.76 24.50
CA GLN A 245 27.88 -20.77 25.49
C GLN A 245 26.51 -20.88 24.82
N LYS A 246 26.40 -20.25 23.65
CA LYS A 246 25.18 -20.30 22.86
C LYS A 246 24.73 -21.74 22.55
N LEU A 247 25.71 -22.64 22.40
CA LEU A 247 25.41 -24.03 22.10
C LEU A 247 24.71 -24.74 23.25
N LEU A 248 24.78 -24.17 24.45
CA LEU A 248 24.11 -24.73 25.61
C LEU A 248 22.61 -24.45 25.57
N GLU A 249 22.23 -23.41 24.83
CA GLU A 249 20.82 -23.06 24.66
C GLU A 249 20.15 -24.01 23.67
N THR A 250 18.98 -24.52 24.03
CA THR A 250 18.26 -25.47 23.20
C THR A 250 17.59 -24.79 22.00
N GLY A 251 17.72 -23.47 21.93
CA GLY A 251 17.07 -22.70 20.88
C GLY A 251 17.86 -22.59 19.58
N VAL A 252 19.17 -22.38 19.69
CA VAL A 252 20.01 -22.16 18.52
C VAL A 252 20.05 -23.39 17.62
N TRP A 253 19.88 -24.57 18.20
CA TRP A 253 19.85 -25.82 17.44
C TRP A 253 18.58 -25.86 16.58
N ILE A 254 17.48 -25.44 17.18
CA ILE A 254 16.20 -25.38 16.47
C ILE A 254 16.28 -24.34 15.36
N ASP A 255 16.92 -23.22 15.66
CA ASP A 255 17.13 -22.15 14.69
C ASP A 255 17.93 -22.65 13.49
N ALA A 256 18.99 -23.38 13.76
CA ALA A 256 19.83 -23.94 12.70
C ALA A 256 19.07 -24.98 11.89
N ALA A 257 18.27 -25.80 12.57
CA ALA A 257 17.47 -26.83 11.92
C ALA A 257 16.47 -26.22 10.95
N ALA A 258 15.68 -25.27 11.44
CA ALA A 258 14.72 -24.56 10.60
C ALA A 258 15.42 -23.85 9.45
N GLN A 259 16.59 -23.28 9.75
CA GLN A 259 17.36 -22.55 8.75
C GLN A 259 17.79 -23.45 7.60
N ILE A 260 18.36 -24.61 7.91
CA ILE A 260 18.84 -25.52 6.87
C ILE A 260 17.67 -26.15 6.13
N PHE A 261 16.58 -26.44 6.84
CA PHE A 261 15.40 -27.00 6.21
C PHE A 261 14.81 -26.05 5.18
N PHE A 262 14.64 -24.81 5.58
CA PHE A 262 14.19 -23.79 4.67
C PHE A 262 15.18 -23.48 3.57
N SER A 263 16.45 -23.49 3.85
CA SER A 263 17.36 -23.25 2.76
C SER A 263 17.35 -24.34 1.70
N LEU A 264 17.31 -25.61 2.10
CA LEU A 264 17.24 -26.67 1.10
C LEU A 264 15.84 -26.77 0.51
N GLY A 265 14.79 -26.47 1.28
CA GLY A 265 13.45 -26.43 0.71
C GLY A 265 12.91 -27.68 0.03
N PRO A 266 13.18 -28.81 0.68
CA PRO A 266 12.74 -30.15 0.32
C PRO A 266 11.29 -30.29 0.67
N GLY A 267 10.65 -31.40 0.30
CA GLY A 267 9.28 -31.64 0.72
C GLY A 267 8.22 -30.62 0.30
N PHE A 268 8.34 -30.16 -0.94
CA PHE A 268 7.44 -29.21 -1.57
C PHE A 268 7.08 -29.70 -2.98
N GLY A 269 7.86 -30.64 -3.49
CA GLY A 269 7.58 -31.23 -4.79
C GLY A 269 8.32 -30.55 -5.92
N VAL A 270 9.08 -29.52 -5.62
CA VAL A 270 9.89 -28.84 -6.61
C VAL A 270 11.02 -29.75 -7.06
N LEU A 271 11.74 -30.31 -6.09
CA LEU A 271 12.80 -31.26 -6.36
C LEU A 271 12.24 -32.50 -7.05
N LEU A 272 11.00 -32.83 -6.70
CA LEU A 272 10.29 -33.94 -7.29
C LEU A 272 10.07 -33.70 -8.78
N ALA A 273 9.60 -32.50 -9.12
CA ALA A 273 9.33 -32.13 -10.50
C ALA A 273 10.61 -32.02 -11.32
N PHE A 274 11.65 -31.44 -10.71
CA PHE A 274 12.93 -31.30 -11.39
C PHE A 274 13.59 -32.64 -11.60
N ALA A 275 13.34 -33.58 -10.70
CA ALA A 275 13.88 -34.93 -10.82
C ALA A 275 13.05 -35.76 -11.80
N SER A 276 11.80 -35.34 -12.01
CA SER A 276 10.90 -36.06 -12.90
C SER A 276 11.39 -36.07 -14.34
N TYR A 277 12.06 -35.01 -14.75
CA TYR A 277 12.58 -34.91 -16.11
C TYR A 277 14.07 -35.16 -15.88
N ASN A 278 14.47 -36.43 -15.94
CA ASN A 278 15.89 -36.78 -15.94
C ASN A 278 16.07 -38.26 -16.28
N LYS A 279 17.32 -38.65 -16.54
CA LYS A 279 17.64 -40.03 -16.89
C LYS A 279 17.33 -40.97 -15.72
N PHE A 280 16.97 -42.21 -16.02
CA PHE A 280 16.60 -43.17 -15.00
C PHE A 280 17.84 -43.74 -14.30
N ASN A 281 18.88 -44.00 -15.07
CA ASN A 281 20.12 -44.53 -14.54
C ASN A 281 21.03 -43.41 -14.03
N ASN A 282 20.51 -42.19 -14.05
CA ASN A 282 21.26 -41.03 -13.60
C ASN A 282 21.45 -41.07 -12.08
N ASN A 283 22.58 -40.55 -11.62
CA ASN A 283 22.89 -40.54 -10.19
C ASN A 283 22.12 -39.45 -9.46
N CYS A 284 21.78 -39.72 -8.20
CA CYS A 284 21.04 -38.77 -7.38
C CYS A 284 21.87 -38.34 -6.18
N TYR A 285 22.75 -39.23 -5.73
CA TYR A 285 23.61 -39.00 -4.58
C TYR A 285 24.53 -37.79 -4.77
N GLN A 286 25.38 -37.89 -5.79
CA GLN A 286 26.34 -36.84 -6.12
C GLN A 286 25.64 -35.51 -6.39
N ASP A 287 24.52 -35.57 -7.11
CA ASP A 287 23.74 -34.38 -7.43
C ASP A 287 23.29 -33.63 -6.18
N ALA A 288 22.51 -34.31 -5.35
CA ALA A 288 22.00 -33.74 -4.09
C ALA A 288 23.13 -33.22 -3.21
N LEU A 289 24.17 -34.04 -3.05
CA LEU A 289 25.32 -33.68 -2.23
C LEU A 289 25.95 -32.37 -2.71
N VAL A 290 26.35 -32.36 -3.97
CA VAL A 290 26.99 -31.19 -4.57
C VAL A 290 26.12 -29.94 -4.45
N THR A 291 24.87 -30.05 -4.87
CA THR A 291 23.94 -28.92 -4.83
C THR A 291 23.80 -28.35 -3.42
N SER A 292 23.59 -29.23 -2.44
CA SER A 292 23.45 -28.79 -1.06
C SER A 292 24.69 -28.09 -0.54
N VAL A 293 25.85 -28.70 -0.80
CA VAL A 293 27.13 -28.12 -0.38
C VAL A 293 27.31 -26.73 -1.00
N VAL A 294 26.84 -26.54 -2.22
CA VAL A 294 26.85 -25.19 -2.77
C VAL A 294 25.94 -24.18 -2.07
N ASN A 295 24.71 -24.60 -1.80
CA ASN A 295 23.73 -23.76 -1.13
C ASN A 295 24.23 -23.24 0.22
N CYS A 296 24.83 -24.14 0.99
CA CYS A 296 25.50 -23.75 2.20
C CYS A 296 26.76 -22.92 2.04
N MET A 297 27.66 -23.32 1.14
CA MET A 297 28.91 -22.59 1.03
C MET A 297 28.56 -21.19 0.58
N THR A 298 27.66 -21.15 -0.38
CA THR A 298 27.19 -19.88 -0.94
C THR A 298 26.70 -18.98 0.18
N SER A 299 25.94 -19.56 1.12
CA SER A 299 25.52 -18.81 2.30
C SER A 299 26.73 -18.33 3.10
N PHE A 300 27.73 -19.21 3.21
CA PHE A 300 28.92 -18.92 4.01
C PHE A 300 29.72 -17.74 3.47
N VAL A 301 29.92 -17.70 2.16
CA VAL A 301 30.66 -16.60 1.55
C VAL A 301 29.79 -15.35 1.50
N SER A 302 28.47 -15.55 1.39
CA SER A 302 27.52 -14.45 1.43
C SER A 302 27.62 -13.73 2.77
N GLY A 303 27.90 -14.51 3.81
CA GLY A 303 28.14 -13.93 5.13
C GLY A 303 29.27 -12.93 5.14
N PHE A 304 30.36 -13.28 4.45
CA PHE A 304 31.50 -12.37 4.33
C PHE A 304 31.14 -11.17 3.48
N VAL A 305 30.43 -11.39 2.39
CA VAL A 305 30.00 -10.32 1.50
C VAL A 305 29.18 -9.28 2.26
N ILE A 306 28.33 -9.75 3.18
CA ILE A 306 27.50 -8.87 3.98
C ILE A 306 28.30 -8.18 5.06
N PHE A 307 29.03 -8.95 5.86
CA PHE A 307 29.67 -8.42 7.06
C PHE A 307 30.97 -7.66 6.80
N THR A 308 31.48 -7.71 5.57
CA THR A 308 32.60 -6.85 5.21
C THR A 308 32.08 -5.42 5.04
N VAL A 309 30.94 -5.31 4.36
CA VAL A 309 30.31 -4.02 4.11
C VAL A 309 29.70 -3.48 5.40
N LEU A 310 29.14 -4.37 6.21
CA LEU A 310 28.58 -3.97 7.51
C LEU A 310 29.70 -3.66 8.50
N GLY A 311 30.86 -4.27 8.28
CA GLY A 311 32.03 -3.96 9.08
C GLY A 311 32.54 -2.58 8.73
N TYR A 312 32.53 -2.27 7.44
CA TYR A 312 32.87 -0.94 6.96
C TYR A 312 31.88 0.09 7.48
N MET A 313 30.61 -0.32 7.58
CA MET A 313 29.56 0.56 8.06
C MET A 313 29.72 0.85 9.54
N ALA A 314 30.08 -0.18 10.30
CA ALA A 314 30.31 -0.04 11.73
C ALA A 314 31.57 0.78 11.99
N GLU A 315 32.54 0.65 11.09
CA GLU A 315 33.78 1.42 11.18
C GLU A 315 33.50 2.90 10.91
N MET A 316 32.64 3.16 9.93
CA MET A 316 32.29 4.52 9.55
C MET A 316 31.41 5.17 10.62
N ARG A 317 30.71 4.35 11.39
CA ARG A 317 29.90 4.83 12.50
C ARG A 317 30.65 4.69 13.82
N ASN A 318 30.23 3.75 14.67
CA ASN A 318 30.92 3.54 15.94
C ASN A 318 30.80 2.10 16.45
N GLU A 319 31.34 1.17 15.67
CA GLU A 319 31.52 -0.22 16.09
C GLU A 319 30.24 -0.93 16.52
N ASP A 320 30.38 -2.00 17.29
CA ASP A 320 29.21 -2.65 17.84
C ASP A 320 28.27 -3.06 16.74
N VAL A 321 28.78 -3.85 15.83
CA VAL A 321 28.14 -4.11 14.57
C VAL A 321 26.70 -4.47 14.77
N SER A 322 26.40 -5.11 15.88
CA SER A 322 25.08 -5.64 16.13
C SER A 322 24.15 -4.48 16.03
N GLU A 323 24.63 -3.36 16.49
CA GLU A 323 23.83 -2.13 16.44
C GLU A 323 23.39 -1.80 15.03
N VAL A 324 24.34 -1.82 14.09
CA VAL A 324 24.05 -1.51 12.70
C VAL A 324 23.21 -2.63 12.08
N ALA A 325 23.37 -3.85 12.60
CA ALA A 325 22.61 -4.99 12.12
C ALA A 325 21.52 -5.38 13.10
N LYS A 326 20.92 -4.38 13.75
CA LYS A 326 19.82 -4.62 14.68
C LYS A 326 18.61 -5.15 13.93
N ASP A 327 18.29 -4.49 12.83
CA ASP A 327 17.19 -4.92 11.98
C ASP A 327 17.54 -6.28 11.44
N ALA A 328 16.57 -7.19 11.47
CA ALA A 328 16.78 -8.51 10.85
C ALA A 328 15.75 -8.77 9.76
N GLY A 329 15.98 -8.18 8.60
CA GLY A 329 15.08 -8.35 7.46
C GLY A 329 15.60 -7.73 6.19
N PRO A 330 14.70 -7.41 5.25
CA PRO A 330 15.05 -6.74 4.00
C PRO A 330 15.70 -5.38 4.24
N SER A 331 15.45 -4.79 5.40
CA SER A 331 16.02 -3.50 5.75
C SER A 331 17.54 -3.57 5.85
N LEU A 332 18.05 -4.77 6.08
CA LEU A 332 19.49 -4.98 6.14
C LEU A 332 20.11 -4.84 4.75
N LEU A 333 19.29 -5.01 3.72
CA LEU A 333 19.74 -4.91 2.34
C LEU A 333 19.26 -3.64 1.66
N PHE A 334 18.00 -3.28 1.91
CA PHE A 334 17.40 -2.13 1.25
C PHE A 334 17.76 -0.80 1.90
N ILE A 335 18.19 -0.85 3.15
CA ILE A 335 18.54 0.38 3.87
C ILE A 335 20.02 0.42 4.22
N THR A 336 20.44 -0.47 5.12
CA THR A 336 21.82 -0.48 5.62
C THR A 336 22.83 -0.71 4.51
N TYR A 337 22.68 -1.81 3.78
CA TYR A 337 23.61 -2.17 2.71
C TYR A 337 23.55 -1.15 1.58
N ALA A 338 22.36 -0.65 1.30
CA ALA A 338 22.16 0.35 0.25
C ALA A 338 22.83 1.67 0.61
N GLU A 339 22.63 2.10 1.85
CA GLU A 339 23.25 3.33 2.33
C GLU A 339 24.76 3.17 2.38
N ALA A 340 25.22 1.95 2.61
CA ALA A 340 26.64 1.65 2.59
C ALA A 340 27.20 1.72 1.17
N ILE A 341 26.38 1.31 0.20
CA ILE A 341 26.78 1.35 -1.20
C ILE A 341 26.85 2.79 -1.70
N ALA A 342 25.89 3.61 -1.26
CA ALA A 342 25.80 5.00 -1.70
C ALA A 342 27.04 5.81 -1.35
N ASN A 343 27.73 5.41 -0.27
CA ASN A 343 28.92 6.13 0.17
C ASN A 343 30.21 5.51 -0.38
N MET A 344 30.10 4.86 -1.54
CA MET A 344 31.25 4.25 -2.18
C MET A 344 31.39 4.76 -3.61
N PRO A 345 32.63 4.79 -4.14
CA PRO A 345 32.85 5.18 -5.53
C PRO A 345 32.17 4.23 -6.51
N ALA A 346 31.70 4.76 -7.64
CA ALA A 346 30.92 4.01 -8.60
C ALA A 346 29.71 3.35 -7.93
N SER A 347 29.01 4.13 -7.11
CA SER A 347 27.88 3.64 -6.34
C SER A 347 26.73 3.16 -7.23
N THR A 348 26.59 3.79 -8.40
CA THR A 348 25.57 3.39 -9.36
C THR A 348 25.80 1.95 -9.80
N PHE A 349 27.07 1.62 -10.09
CA PHE A 349 27.46 0.28 -10.49
C PHE A 349 27.13 -0.75 -9.42
N PHE A 350 27.68 -0.54 -8.21
CA PHE A 350 27.51 -1.46 -7.10
C PHE A 350 26.06 -1.53 -6.63
N ALA A 351 25.25 -0.56 -7.03
CA ALA A 351 23.83 -0.59 -6.71
C ALA A 351 23.07 -1.43 -7.74
N ILE A 352 23.36 -1.19 -9.01
CA ILE A 352 22.73 -1.91 -10.10
C ILE A 352 23.02 -3.40 -10.01
N ILE A 353 24.28 -3.75 -9.78
CA ILE A 353 24.64 -5.16 -9.70
C ILE A 353 24.05 -5.81 -8.45
N PHE A 354 23.78 -4.99 -7.44
CA PHE A 354 23.23 -5.49 -6.18
C PHE A 354 21.75 -5.81 -6.33
N PHE A 355 20.97 -4.85 -6.79
CA PHE A 355 19.53 -5.06 -6.96
C PHE A 355 19.25 -6.07 -8.06
N LEU A 356 20.02 -6.00 -9.14
CA LEU A 356 19.94 -6.99 -10.21
C LEU A 356 20.31 -8.36 -9.66
N MET A 357 21.28 -8.38 -8.75
CA MET A 357 21.67 -9.62 -8.09
C MET A 357 20.50 -10.20 -7.30
N LEU A 358 19.78 -9.33 -6.59
CA LEU A 358 18.61 -9.75 -5.84
C LEU A 358 17.54 -10.34 -6.75
N ILE A 359 17.23 -9.62 -7.82
CA ILE A 359 16.23 -10.06 -8.79
C ILE A 359 16.60 -11.44 -9.34
N THR A 360 17.83 -11.57 -9.83
CA THR A 360 18.29 -12.85 -10.38
C THR A 360 18.36 -13.94 -9.30
N LEU A 361 18.44 -13.52 -8.04
CA LEU A 361 18.48 -14.45 -6.93
C LEU A 361 17.10 -15.03 -6.64
N GLY A 362 16.06 -14.22 -6.85
CA GLY A 362 14.71 -14.69 -6.62
C GLY A 362 14.04 -15.34 -7.82
N LEU A 363 14.44 -14.92 -9.02
CA LEU A 363 13.79 -15.35 -10.27
C LEU A 363 13.79 -16.87 -10.47
N ASP A 364 14.96 -17.50 -10.34
CA ASP A 364 15.06 -18.94 -10.53
C ASP A 364 14.25 -19.72 -9.49
N SER A 365 14.29 -19.23 -8.25
CA SER A 365 13.52 -19.83 -7.17
C SER A 365 12.03 -19.76 -7.47
N SER A 366 11.61 -18.67 -8.12
CA SER A 366 10.23 -18.53 -8.55
C SER A 366 9.92 -19.51 -9.69
N PHE A 367 10.86 -19.62 -10.62
CA PHE A 367 10.76 -20.55 -11.75
C PHE A 367 10.46 -21.95 -11.26
N ALA A 368 11.26 -22.41 -10.31
CA ALA A 368 11.12 -23.75 -9.77
C ALA A 368 9.86 -23.88 -8.91
N GLY A 369 9.63 -22.87 -8.07
CA GLY A 369 8.47 -22.85 -7.20
C GLY A 369 7.15 -23.04 -7.94
N LEU A 370 7.01 -22.33 -9.06
CA LEU A 370 5.82 -22.50 -9.90
C LEU A 370 5.93 -23.78 -10.72
N GLU A 371 7.15 -24.13 -11.09
CA GLU A 371 7.41 -25.28 -11.95
C GLU A 371 6.92 -26.58 -11.34
N GLY A 372 7.12 -26.72 -10.03
CA GLY A 372 6.66 -27.91 -9.32
C GLY A 372 5.16 -28.08 -9.35
N VAL A 373 4.44 -26.99 -9.10
CA VAL A 373 2.99 -27.00 -9.08
C VAL A 373 2.43 -27.26 -10.48
N ILE A 374 2.99 -26.56 -11.46
CA ILE A 374 2.56 -26.72 -12.86
C ILE A 374 2.77 -28.16 -13.31
N THR A 375 3.95 -28.71 -13.00
CA THR A 375 4.26 -30.10 -13.33
C THR A 375 3.26 -31.03 -12.64
N ALA A 376 2.99 -30.84 -11.37
CA ALA A 376 2.08 -31.77 -10.75
C ALA A 376 0.70 -31.69 -11.36
N VAL A 377 0.20 -30.50 -11.57
CA VAL A 377 -1.19 -30.34 -11.99
C VAL A 377 -1.43 -30.96 -13.36
N LEU A 378 -0.48 -30.74 -14.23
CA LEU A 378 -0.45 -31.30 -15.58
C LEU A 378 -0.33 -32.82 -15.55
N ASP A 379 0.38 -33.34 -14.55
CA ASP A 379 0.54 -34.79 -14.41
C ASP A 379 -0.68 -35.42 -13.75
N GLU A 380 -1.42 -34.64 -12.99
CA GLU A 380 -2.63 -35.14 -12.35
C GLU A 380 -3.85 -35.08 -13.27
N PHE A 381 -3.81 -34.03 -14.09
CA PHE A 381 -4.90 -33.92 -15.05
C PHE A 381 -4.33 -33.97 -16.47
N PRO A 382 -3.77 -35.10 -16.88
CA PRO A 382 -3.05 -35.10 -18.14
C PRO A 382 -4.00 -35.09 -19.30
N HIS A 383 -3.88 -34.07 -20.13
CA HIS A 383 -4.40 -34.08 -21.48
C HIS A 383 -5.91 -34.02 -21.49
N VAL A 384 -6.47 -33.92 -20.30
CA VAL A 384 -7.38 -32.92 -19.87
C VAL A 384 -6.60 -31.63 -19.88
N TRP A 385 -5.32 -31.73 -19.49
CA TRP A 385 -4.42 -30.60 -19.42
C TRP A 385 -3.20 -30.86 -20.27
N ALA A 386 -2.41 -29.83 -20.51
CA ALA A 386 -1.23 -30.02 -21.33
C ALA A 386 -1.59 -29.85 -22.78
N LYS A 387 -2.82 -29.44 -23.05
CA LYS A 387 -3.23 -29.18 -24.41
C LYS A 387 -2.31 -28.10 -24.92
N ARG A 388 -2.05 -27.02 -24.13
CA ARG A 388 -1.02 -26.00 -24.32
C ARG A 388 -0.50 -25.66 -22.93
N ARG A 389 0.80 -25.44 -22.81
CA ARG A 389 1.38 -25.16 -21.49
C ARG A 389 1.26 -23.69 -21.12
N GLU A 390 1.43 -22.76 -22.17
CA GLU A 390 1.35 -21.32 -21.94
C GLU A 390 0.00 -20.90 -21.38
N ARG A 391 -1.01 -21.68 -21.64
CA ARG A 391 -2.34 -21.33 -21.14
C ARG A 391 -2.43 -21.52 -19.64
N PHE A 392 -2.00 -22.70 -19.17
CA PHE A 392 -2.03 -23.01 -17.75
C PHE A 392 -1.04 -22.15 -16.96
N VAL A 393 0.17 -22.00 -17.50
CA VAL A 393 1.21 -21.19 -16.86
C VAL A 393 0.71 -19.76 -16.69
N LEU A 394 0.15 -19.20 -17.75
CA LEU A 394 -0.42 -17.85 -17.71
C LEU A 394 -1.56 -17.77 -16.71
N ALA A 395 -2.39 -18.82 -16.69
CA ALA A 395 -3.53 -18.88 -15.77
C ALA A 395 -3.08 -18.88 -14.32
N VAL A 396 -1.90 -19.44 -14.07
CA VAL A 396 -1.34 -19.45 -12.73
C VAL A 396 -0.73 -18.09 -12.41
N VAL A 397 0.03 -17.54 -13.35
CA VAL A 397 0.71 -16.26 -13.17
C VAL A 397 -0.28 -15.13 -12.87
N ILE A 398 -1.36 -15.06 -13.63
CA ILE A 398 -2.36 -14.01 -13.45
C ILE A 398 -3.01 -14.12 -12.07
N THR A 399 -3.37 -15.34 -11.70
CA THR A 399 -3.99 -15.61 -10.39
C THR A 399 -3.04 -15.19 -9.27
N CYS A 400 -1.75 -15.47 -9.45
CA CYS A 400 -0.74 -15.08 -8.47
C CYS A 400 -0.62 -13.56 -8.41
N PHE A 401 -0.85 -12.91 -9.54
CA PHE A 401 -0.79 -11.44 -9.59
C PHE A 401 -1.94 -10.83 -8.82
N PHE A 402 -3.14 -11.35 -9.03
CA PHE A 402 -4.30 -10.86 -8.29
C PHE A 402 -4.20 -11.23 -6.81
N GLY A 403 -3.44 -12.29 -6.53
CA GLY A 403 -3.22 -12.72 -5.16
C GLY A 403 -2.13 -11.93 -4.46
N SER A 404 -1.39 -11.14 -5.23
CA SER A 404 -0.31 -10.34 -4.68
C SER A 404 -0.73 -8.88 -4.51
N LEU A 405 -1.96 -8.56 -4.91
CA LEU A 405 -2.47 -7.20 -4.79
C LEU A 405 -2.64 -6.82 -3.33
N VAL A 406 -2.80 -7.82 -2.47
CA VAL A 406 -2.91 -7.60 -1.03
C VAL A 406 -1.55 -7.15 -0.49
N THR A 407 -0.49 -7.63 -1.14
CA THR A 407 0.87 -7.34 -0.72
C THR A 407 1.36 -6.02 -1.31
N LEU A 408 0.81 -5.65 -2.46
CA LEU A 408 1.22 -4.44 -3.16
C LEU A 408 0.64 -3.18 -2.51
N THR A 409 -0.12 -3.36 -1.44
CA THR A 409 -0.71 -2.23 -0.72
C THR A 409 0.36 -1.44 0.04
N PHE A 410 -0.04 -0.34 0.64
CA PHE A 410 0.87 0.48 1.41
C PHE A 410 1.38 -0.28 2.63
N GLY A 411 0.47 -0.97 3.31
CA GLY A 411 0.84 -1.82 4.42
C GLY A 411 0.99 -3.23 3.91
N GLY A 412 2.05 -3.46 3.13
CA GLY A 412 2.25 -4.75 2.49
C GLY A 412 3.30 -5.58 3.20
N ALA A 413 4.36 -4.93 3.68
CA ALA A 413 5.45 -5.63 4.36
C ALA A 413 4.95 -6.35 5.61
N TYR A 414 3.94 -5.77 6.24
CA TYR A 414 3.30 -6.39 7.40
C TYR A 414 2.73 -7.75 7.02
N VAL A 415 2.07 -7.80 5.87
CA VAL A 415 1.47 -9.02 5.36
C VAL A 415 2.56 -10.00 4.92
N VAL A 416 3.70 -9.47 4.50
CA VAL A 416 4.84 -10.31 4.11
C VAL A 416 5.35 -11.05 5.34
N LYS A 417 5.58 -10.30 6.42
CA LYS A 417 6.01 -10.91 7.68
C LYS A 417 4.99 -11.92 8.19
N LEU A 418 3.73 -11.48 8.26
CA LEU A 418 2.65 -12.30 8.80
C LEU A 418 2.46 -13.61 8.04
N LEU A 419 2.41 -13.52 6.72
CA LEU A 419 2.22 -14.70 5.87
C LEU A 419 3.46 -15.58 5.86
N GLU A 420 4.64 -14.97 5.91
CA GLU A 420 5.90 -15.69 5.79
C GLU A 420 6.25 -16.44 7.09
N GLU A 421 5.77 -15.93 8.22
CA GLU A 421 6.19 -16.49 9.50
C GLU A 421 5.07 -17.20 10.27
N TYR A 422 3.83 -16.73 10.10
CA TYR A 422 2.71 -17.29 10.85
C TYR A 422 1.84 -18.23 10.02
N ALA A 423 1.99 -18.18 8.70
CA ALA A 423 1.13 -18.95 7.82
C ALA A 423 1.88 -20.04 7.06
N THR A 424 2.67 -19.64 6.08
CA THR A 424 3.32 -20.57 5.16
C THR A 424 4.30 -21.54 5.85
N GLY A 425 5.08 -21.02 6.80
CA GLY A 425 6.15 -21.80 7.42
C GLY A 425 5.88 -23.05 8.24
N PRO A 426 4.89 -23.00 9.13
CA PRO A 426 4.42 -24.19 9.85
C PRO A 426 3.60 -25.14 8.97
N ALA A 427 3.03 -24.61 7.89
CA ALA A 427 2.23 -25.42 6.98
C ALA A 427 3.12 -26.25 6.06
N VAL A 428 4.20 -25.64 5.58
CA VAL A 428 5.16 -26.34 4.74
C VAL A 428 5.92 -27.35 5.57
N LEU A 429 6.28 -26.96 6.79
CA LEU A 429 6.92 -27.89 7.72
C LEU A 429 5.97 -29.05 8.05
N THR A 430 4.70 -28.73 8.20
CA THR A 430 3.69 -29.74 8.53
C THR A 430 3.52 -30.75 7.40
N VAL A 431 3.28 -30.25 6.18
CA VAL A 431 3.08 -31.12 5.03
C VAL A 431 4.35 -31.90 4.73
N ALA A 432 5.50 -31.29 5.03
CA ALA A 432 6.78 -31.95 4.86
C ALA A 432 6.91 -33.08 5.88
N LEU A 433 6.29 -32.89 7.04
CA LEU A 433 6.29 -33.91 8.08
C LEU A 433 5.39 -35.07 7.65
N ILE A 434 4.25 -34.74 7.04
CA ILE A 434 3.32 -35.75 6.56
C ILE A 434 3.96 -36.57 5.44
N GLU A 435 4.76 -35.90 4.61
CA GLU A 435 5.49 -36.59 3.55
C GLU A 435 6.58 -37.48 4.12
N ALA A 436 7.35 -36.94 5.06
CA ALA A 436 8.45 -37.66 5.67
C ALA A 436 7.96 -38.91 6.40
N VAL A 437 6.78 -38.82 7.01
CA VAL A 437 6.19 -39.95 7.69
C VAL A 437 5.59 -40.93 6.69
N ALA A 438 4.96 -40.38 5.65
CA ALA A 438 4.25 -41.18 4.65
C ALA A 438 5.19 -42.05 3.83
N VAL A 439 6.35 -41.51 3.47
CA VAL A 439 7.30 -42.26 2.64
C VAL A 439 8.02 -43.33 3.45
N SER A 440 8.35 -43.00 4.70
CA SER A 440 9.17 -43.88 5.52
C SER A 440 8.38 -44.96 6.25
N TRP A 441 7.13 -44.66 6.61
CA TRP A 441 6.37 -45.56 7.47
C TRP A 441 5.17 -46.22 6.79
N PHE A 442 4.76 -45.69 5.65
CA PHE A 442 3.63 -46.27 4.91
C PHE A 442 4.08 -47.04 3.68
N TYR A 443 4.86 -46.40 2.82
CA TYR A 443 5.34 -47.03 1.59
C TYR A 443 6.44 -48.02 1.95
N GLY A 444 7.09 -47.79 3.09
CA GLY A 444 8.17 -48.64 3.53
C GLY A 444 9.52 -48.12 3.11
N ILE A 445 10.44 -48.05 4.07
CA ILE A 445 11.78 -47.54 3.79
C ILE A 445 12.60 -48.62 3.08
N THR A 446 12.24 -49.88 3.32
CA THR A 446 12.93 -51.00 2.70
C THR A 446 12.69 -51.02 1.19
N GLN A 447 11.44 -50.81 0.79
CA GLN A 447 11.09 -50.78 -0.62
C GLN A 447 11.71 -49.55 -1.29
N PHE A 448 11.85 -48.48 -0.52
CA PHE A 448 12.50 -47.27 -1.00
C PHE A 448 13.97 -47.54 -1.30
N CYS A 449 14.64 -48.22 -0.36
CA CYS A 449 16.03 -48.60 -0.54
C CYS A 449 16.18 -49.60 -1.67
N ARG A 450 15.11 -50.35 -1.94
CA ARG A 450 15.09 -51.29 -3.05
C ARG A 450 14.99 -50.54 -4.37
N ASP A 451 14.23 -49.44 -4.37
CA ASP A 451 14.08 -48.60 -5.55
C ASP A 451 15.37 -47.87 -5.86
N VAL A 452 16.02 -47.35 -4.82
CA VAL A 452 17.32 -46.70 -4.96
C VAL A 452 18.33 -47.75 -5.43
N LYS A 453 18.15 -48.98 -4.95
CA LYS A 453 18.99 -50.10 -5.37
C LYS A 453 18.77 -50.41 -6.85
N GLU A 454 17.57 -50.11 -7.33
CA GLU A 454 17.24 -50.33 -8.74
C GLU A 454 17.85 -49.24 -9.62
N MET A 455 17.70 -47.98 -9.21
CA MET A 455 18.20 -46.86 -9.99
C MET A 455 19.72 -46.77 -9.99
N LEU A 456 20.30 -46.65 -8.79
CA LEU A 456 21.75 -46.46 -8.66
C LEU A 456 22.52 -47.76 -8.83
N GLY A 457 21.82 -48.88 -8.73
CA GLY A 457 22.46 -50.18 -8.87
C GLY A 457 22.91 -50.76 -7.54
N PHE A 458 22.83 -49.96 -6.49
CA PHE A 458 23.21 -50.40 -5.15
C PHE A 458 22.31 -49.78 -4.09
N SER A 459 22.01 -50.55 -3.05
CA SER A 459 21.16 -50.08 -1.97
C SER A 459 21.87 -49.01 -1.14
N PRO A 460 21.12 -47.96 -0.72
CA PRO A 460 21.69 -46.89 0.08
C PRO A 460 22.19 -47.38 1.44
N GLY A 461 23.23 -46.74 1.97
CA GLY A 461 23.85 -47.15 3.21
C GLY A 461 22.96 -47.09 4.43
N TRP A 462 23.42 -47.69 5.52
CA TRP A 462 22.69 -47.69 6.78
C TRP A 462 22.58 -46.29 7.36
N PHE A 463 23.59 -45.46 7.05
CA PHE A 463 23.63 -44.08 7.52
C PHE A 463 22.43 -43.28 7.02
N TRP A 464 22.02 -43.53 5.78
CA TRP A 464 20.91 -42.81 5.19
C TRP A 464 19.58 -43.42 5.60
N ARG A 465 19.53 -44.75 5.68
CA ARG A 465 18.33 -45.45 6.08
C ARG A 465 17.92 -45.08 7.49
N ILE A 466 18.88 -45.04 8.40
CA ILE A 466 18.62 -44.72 9.80
C ILE A 466 18.18 -43.26 9.92
N CYS A 467 18.55 -42.44 8.94
CA CYS A 467 18.14 -41.04 8.92
C CYS A 467 16.70 -40.91 8.43
N TRP A 468 16.36 -41.68 7.40
CA TRP A 468 15.03 -41.65 6.83
C TRP A 468 14.00 -42.25 7.79
N VAL A 469 14.43 -43.24 8.57
CA VAL A 469 13.53 -43.95 9.47
C VAL A 469 13.11 -43.10 10.66
N ALA A 470 14.08 -42.47 11.33
CA ALA A 470 13.80 -41.80 12.58
C ALA A 470 14.35 -40.39 12.74
N ILE A 471 15.52 -40.14 12.15
CA ILE A 471 16.20 -38.85 12.36
C ILE A 471 15.47 -37.67 11.69
N SER A 472 15.00 -37.88 10.47
CA SER A 472 14.34 -36.80 9.73
C SER A 472 12.92 -36.47 10.22
N PRO A 473 12.06 -37.48 10.47
CA PRO A 473 10.74 -37.13 11.00
C PRO A 473 10.82 -36.41 12.35
N LEU A 474 11.74 -36.83 13.20
CA LEU A 474 11.96 -36.16 14.48
C LEU A 474 12.63 -34.81 14.27
N PHE A 475 13.36 -34.69 13.17
CA PHE A 475 14.02 -33.44 12.81
C PHE A 475 13.00 -32.37 12.49
N LEU A 476 12.01 -32.72 11.68
CA LEU A 476 10.92 -31.79 11.36
C LEU A 476 10.01 -31.60 12.57
N LEU A 477 9.85 -32.69 13.32
CA LEU A 477 8.98 -32.71 14.49
C LEU A 477 9.46 -31.72 15.55
N PHE A 478 10.77 -31.63 15.72
CA PHE A 478 11.36 -30.72 16.69
C PHE A 478 11.05 -29.27 16.34
N ILE A 479 11.12 -28.97 15.05
CA ILE A 479 10.88 -27.60 14.57
C ILE A 479 9.41 -27.24 14.71
N ILE A 480 8.53 -28.12 14.24
CA ILE A 480 7.10 -27.89 14.32
C ILE A 480 6.66 -27.72 15.77
N ALA A 481 7.09 -28.64 16.62
CA ALA A 481 6.75 -28.59 18.04
C ALA A 481 7.30 -27.34 18.70
N SER A 482 8.53 -26.98 18.35
CA SER A 482 9.19 -25.80 18.90
C SER A 482 8.43 -24.53 18.56
N PHE A 483 7.95 -24.43 17.32
CA PHE A 483 7.20 -23.27 16.88
C PHE A 483 5.82 -23.21 17.51
N LEU A 484 5.10 -24.32 17.46
CA LEU A 484 3.74 -24.39 18.00
C LEU A 484 3.72 -24.14 19.50
N MET A 485 4.78 -24.57 20.19
CA MET A 485 4.86 -24.39 21.63
C MET A 485 5.13 -22.93 22.02
N SER A 486 5.84 -22.21 21.16
CA SER A 486 6.15 -20.81 21.42
C SER A 486 6.33 -20.00 20.15
N PRO A 487 5.21 -19.55 19.56
CA PRO A 487 5.25 -18.66 18.39
C PRO A 487 5.92 -17.33 18.71
N PRO A 488 6.89 -16.92 17.89
CA PRO A 488 7.67 -15.69 18.12
C PRO A 488 6.85 -14.42 17.97
N GLN A 489 7.12 -13.43 18.82
CA GLN A 489 6.45 -12.14 18.74
C GLN A 489 6.95 -11.38 17.50
N LEU A 490 6.03 -10.92 16.68
CA LEU A 490 6.38 -10.24 15.43
C LEU A 490 6.55 -8.74 15.62
N ARG A 491 7.54 -8.18 14.94
CA ARG A 491 7.80 -6.75 14.98
C ARG A 491 8.44 -6.27 13.68
N LEU A 492 8.00 -5.13 13.18
CA LEU A 492 8.52 -4.57 11.93
C LEU A 492 8.36 -3.06 11.87
N PHE A 493 9.46 -2.36 11.69
CA PHE A 493 9.46 -0.90 11.54
C PHE A 493 8.76 -0.18 12.69
N GLN A 494 9.27 -0.40 13.90
CA GLN A 494 8.75 0.24 15.11
C GLN A 494 7.25 -0.01 15.29
N TYR A 495 6.78 -1.15 14.79
CA TYR A 495 5.36 -1.50 14.88
C TYR A 495 5.18 -2.93 15.38
N ASN A 496 4.61 -3.06 16.58
CA ASN A 496 4.35 -4.37 17.17
C ASN A 496 3.03 -4.93 16.65
N TYR A 497 3.03 -6.22 16.34
CA TYR A 497 1.85 -6.88 15.80
C TYR A 497 0.81 -7.15 16.88
N PRO A 498 -0.47 -7.02 16.51
CA PRO A 498 -1.59 -7.29 17.42
C PRO A 498 -1.59 -8.73 17.93
N TYR A 499 -2.27 -8.97 19.04
CA TYR A 499 -2.31 -10.29 19.66
C TYR A 499 -3.05 -11.31 18.80
N TRP A 500 -3.97 -10.82 17.98
CA TRP A 500 -4.81 -11.70 17.15
C TRP A 500 -4.12 -12.10 15.85
N SER A 501 -2.92 -11.59 15.63
CA SER A 501 -2.17 -11.88 14.41
C SER A 501 -1.96 -13.38 14.23
N ILE A 502 -1.58 -14.05 15.32
CA ILE A 502 -1.35 -15.49 15.29
C ILE A 502 -2.65 -16.23 14.95
N ILE A 503 -3.78 -15.61 15.28
CA ILE A 503 -5.08 -16.18 14.96
C ILE A 503 -5.30 -16.13 13.46
N LEU A 504 -4.84 -15.05 12.84
CA LEU A 504 -5.01 -14.87 11.40
C LEU A 504 -4.12 -15.84 10.63
N GLY A 505 -2.83 -15.81 10.94
CA GLY A 505 -1.86 -16.70 10.30
C GLY A 505 -2.26 -18.16 10.35
N TYR A 506 -2.57 -18.65 11.54
CA TYR A 506 -3.05 -20.01 11.72
C TYR A 506 -4.28 -20.25 10.84
N ALA A 507 -5.18 -19.26 10.81
CA ALA A 507 -6.38 -19.35 10.00
C ALA A 507 -6.03 -19.54 8.53
N ILE A 508 -4.94 -18.89 8.10
CA ILE A 508 -4.48 -19.02 6.74
C ILE A 508 -3.71 -20.33 6.61
N GLY A 509 -3.06 -20.74 7.70
CA GLY A 509 -2.28 -21.95 7.71
C GLY A 509 -3.13 -23.20 7.62
N THR A 510 -4.11 -23.31 8.52
CA THR A 510 -4.99 -24.48 8.57
C THR A 510 -5.84 -24.61 7.32
N SER A 511 -6.24 -23.48 6.75
CA SER A 511 -7.13 -23.48 5.58
C SER A 511 -6.42 -23.92 4.31
N SER A 512 -5.14 -24.24 4.42
CA SER A 512 -4.35 -24.71 3.28
C SER A 512 -4.41 -26.23 3.16
N PHE A 513 -4.23 -26.92 4.27
CA PHE A 513 -4.25 -28.38 4.26
C PHE A 513 -5.60 -29.04 4.55
N ILE A 514 -6.66 -28.24 4.56
CA ILE A 514 -8.01 -28.78 4.70
C ILE A 514 -8.40 -29.87 3.72
N CYS A 515 -7.60 -30.02 2.66
CA CYS A 515 -7.91 -30.95 1.59
C CYS A 515 -7.44 -32.36 1.87
N ILE A 516 -6.43 -32.51 2.72
CA ILE A 516 -5.87 -33.82 3.00
C ILE A 516 -6.73 -34.63 3.98
N PRO A 517 -7.21 -34.02 5.09
CA PRO A 517 -8.08 -34.86 5.93
C PRO A 517 -9.43 -35.12 5.27
N THR A 518 -9.97 -34.13 4.59
CA THR A 518 -11.25 -34.26 3.91
C THR A 518 -11.13 -35.18 2.71
N TYR A 519 -9.91 -35.31 2.18
CA TYR A 519 -9.66 -36.20 1.06
C TYR A 519 -9.47 -37.63 1.55
N ILE A 520 -8.86 -37.77 2.72
CA ILE A 520 -8.76 -39.06 3.38
C ILE A 520 -10.18 -39.55 3.69
N ALA A 521 -11.02 -38.62 4.13
CA ALA A 521 -12.43 -38.93 4.39
C ALA A 521 -13.17 -39.20 3.09
N TYR A 522 -12.69 -38.59 2.01
CA TYR A 522 -13.31 -38.78 0.70
C TYR A 522 -13.08 -40.19 0.18
N ARG A 523 -11.84 -40.62 0.19
CA ARG A 523 -11.54 -41.97 -0.22
C ARG A 523 -12.17 -42.96 0.75
N LEU A 524 -12.06 -42.66 2.03
CA LEU A 524 -12.54 -43.56 3.08
C LEU A 524 -14.06 -43.66 3.06
N ILE A 525 -14.70 -42.70 2.41
CA ILE A 525 -16.15 -42.68 2.31
C ILE A 525 -16.60 -43.12 0.92
N ILE A 526 -15.64 -43.25 0.01
CA ILE A 526 -15.93 -43.64 -1.36
C ILE A 526 -15.72 -45.13 -1.56
N THR A 527 -14.63 -45.65 -0.99
CA THR A 527 -14.30 -47.07 -1.12
C THR A 527 -15.29 -47.89 -0.30
N PRO A 528 -15.91 -48.90 -0.93
CA PRO A 528 -16.89 -49.78 -0.28
C PRO A 528 -16.19 -50.81 0.61
N GLY A 529 -16.96 -51.76 1.13
CA GLY A 529 -16.42 -52.81 1.98
C GLY A 529 -16.09 -52.32 3.38
N THR A 530 -15.28 -53.08 4.10
CA THR A 530 -14.88 -52.73 5.45
C THR A 530 -13.89 -51.56 5.43
N PHE A 531 -13.75 -50.90 6.56
CA PHE A 531 -12.82 -49.78 6.69
C PHE A 531 -11.38 -50.24 6.55
N LYS A 532 -11.12 -51.48 6.96
CA LYS A 532 -9.80 -52.07 6.85
C LYS A 532 -9.45 -52.35 5.40
N GLU A 533 -10.47 -52.66 4.60
CA GLU A 533 -10.29 -52.91 3.18
C GLU A 533 -10.05 -51.61 2.44
N ARG A 534 -10.78 -50.56 2.82
CA ARG A 534 -10.63 -49.25 2.22
C ARG A 534 -9.26 -48.67 2.56
N ILE A 535 -8.84 -48.88 3.80
CA ILE A 535 -7.53 -48.40 4.24
C ILE A 535 -6.43 -49.26 3.63
N ILE A 536 -6.78 -50.50 3.30
CA ILE A 536 -5.84 -51.42 2.67
C ILE A 536 -5.60 -50.99 1.22
N LYS A 537 -6.67 -50.53 0.57
CA LYS A 537 -6.56 -50.02 -0.80
C LYS A 537 -6.00 -48.60 -0.78
N SER A 538 -5.99 -47.99 0.41
CA SER A 538 -5.46 -46.65 0.58
C SER A 538 -3.99 -46.69 1.01
N ILE A 539 -3.53 -47.87 1.38
CA ILE A 539 -2.14 -48.04 1.77
C ILE A 539 -1.35 -48.72 0.66
N THR A 540 -2.01 -49.65 -0.04
CA THR A 540 -1.38 -50.35 -1.15
C THR A 540 -1.41 -49.50 -2.41
N PRO A 541 -0.29 -49.57 -3.11
CA PRO A 541 -0.10 -48.86 -4.36
C PRO A 541 -0.99 -49.52 -5.38
N GLU A 542 -1.16 -48.85 -6.49
CA GLU A 542 -2.21 -49.18 -7.44
C GLU A 542 -1.84 -50.44 -8.19
N THR A 543 -2.73 -51.42 -8.17
CA THR A 543 -2.49 -52.71 -8.81
C THR A 543 -1.91 -52.52 -10.20
N GLU B 1 4.43 14.23 11.89
CA GLU B 1 3.08 14.09 12.43
C GLU B 1 2.60 15.39 13.07
N VAL B 2 3.02 16.51 12.50
CA VAL B 2 2.63 17.82 13.01
C VAL B 2 1.15 18.06 12.74
N GLN B 3 0.35 18.06 13.79
CA GLN B 3 -1.09 18.24 13.67
C GLN B 3 -1.59 19.41 14.51
N LEU B 4 -2.49 20.19 13.92
CA LEU B 4 -3.13 21.30 14.61
C LEU B 4 -4.65 21.15 14.56
N GLN B 5 -5.23 20.75 15.68
CA GLN B 5 -6.67 20.50 15.74
C GLN B 5 -7.42 21.66 16.41
N GLN B 6 -8.27 22.33 15.64
CA GLN B 6 -9.05 23.45 16.17
C GLN B 6 -10.37 22.97 16.76
N SER B 7 -11.27 23.91 17.05
CA SER B 7 -12.57 23.58 17.59
C SER B 7 -13.62 23.50 16.48
N GLY B 8 -14.83 23.07 16.84
CA GLY B 8 -15.90 22.93 15.87
C GLY B 8 -16.54 24.24 15.47
N PRO B 9 -17.63 24.16 14.68
CA PRO B 9 -18.35 25.35 14.20
C PRO B 9 -19.06 26.08 15.34
N GLU B 10 -19.19 27.40 15.22
CA GLU B 10 -19.81 28.21 16.26
C GLU B 10 -20.87 29.14 15.70
N LEU B 11 -22.11 28.98 16.16
CA LEU B 11 -23.18 29.89 15.79
C LEU B 11 -23.49 30.81 16.97
N VAL B 12 -23.26 32.10 16.78
CA VAL B 12 -23.42 33.06 17.87
C VAL B 12 -24.18 34.31 17.41
N LYS B 13 -24.99 34.86 18.31
CA LYS B 13 -25.73 36.08 18.02
C LYS B 13 -24.82 37.28 18.01
N PRO B 14 -25.10 38.26 17.13
CA PRO B 14 -24.32 39.50 17.03
C PRO B 14 -24.22 40.25 18.35
N GLY B 15 -23.04 40.78 18.64
CA GLY B 15 -22.81 41.52 19.88
C GLY B 15 -22.19 40.68 20.97
N ALA B 16 -22.24 39.36 20.79
CA ALA B 16 -21.69 38.43 21.76
C ALA B 16 -20.22 38.16 21.50
N SER B 17 -19.67 37.16 22.17
CA SER B 17 -18.27 36.80 22.01
C SER B 17 -18.12 35.31 21.69
N VAL B 18 -16.95 34.94 21.17
CA VAL B 18 -16.70 33.55 20.82
C VAL B 18 -15.22 33.21 20.99
N LYS B 19 -14.93 32.03 21.52
CA LYS B 19 -13.55 31.58 21.73
C LYS B 19 -13.24 30.34 20.90
N ILE B 20 -12.10 30.37 20.20
CA ILE B 20 -11.67 29.26 19.37
C ILE B 20 -10.35 28.70 19.89
N SER B 21 -10.24 27.38 19.97
CA SER B 21 -9.04 26.73 20.48
C SER B 21 -8.13 26.25 19.35
N CYS B 22 -6.98 25.71 19.73
CA CYS B 22 -5.97 25.25 18.76
C CYS B 22 -4.99 24.31 19.46
N LYS B 23 -5.22 23.03 19.38
CA LYS B 23 -4.33 22.03 19.96
C LYS B 23 -3.19 21.66 19.01
N ALA B 24 -1.95 21.82 19.48
CA ALA B 24 -0.78 21.55 18.67
C ALA B 24 -0.11 20.24 19.07
N SER B 25 0.44 19.53 18.08
CA SER B 25 1.15 18.28 18.34
C SER B 25 2.13 17.96 17.22
N GLY B 26 3.09 17.09 17.51
CA GLY B 26 4.04 16.65 16.51
C GLY B 26 5.31 17.46 16.43
N TYR B 27 5.42 18.47 17.28
CA TYR B 27 6.60 19.33 17.30
C TYR B 27 6.78 19.99 18.66
N THR B 28 7.93 20.62 18.86
CA THR B 28 8.19 21.35 20.09
C THR B 28 7.38 22.63 20.11
N PHE B 29 6.33 22.66 20.92
CA PHE B 29 5.37 23.75 20.96
C PHE B 29 6.00 25.10 21.29
N THR B 30 7.03 25.08 22.13
CA THR B 30 7.66 26.31 22.59
C THR B 30 8.72 26.82 21.63
N ASP B 31 8.75 26.27 20.42
CA ASP B 31 9.77 26.64 19.43
C ASP B 31 9.24 27.64 18.40
N TYR B 32 7.93 27.64 18.17
CA TYR B 32 7.38 28.43 17.07
C TYR B 32 6.24 29.36 17.48
N TYR B 33 6.16 30.49 16.79
CA TYR B 33 5.05 31.43 16.91
C TYR B 33 3.72 30.79 16.51
N MET B 34 2.66 31.12 17.24
CA MET B 34 1.33 30.65 16.84
C MET B 34 0.52 31.79 16.22
N ASN B 35 -0.05 31.54 15.06
CA ASN B 35 -0.72 32.59 14.29
C ASN B 35 -2.20 32.30 14.07
N TRP B 36 -2.96 33.34 13.78
CA TRP B 36 -4.37 33.16 13.39
C TRP B 36 -4.69 33.92 12.11
N VAL B 37 -5.30 33.23 11.15
CA VAL B 37 -5.63 33.83 9.86
C VAL B 37 -7.13 33.78 9.61
N LYS B 38 -7.71 34.94 9.29
CA LYS B 38 -9.12 35.03 8.99
C LYS B 38 -9.36 34.97 7.48
N GLN B 39 -10.28 34.11 7.06
CA GLN B 39 -10.63 34.01 5.64
C GLN B 39 -12.14 34.11 5.46
N SER B 40 -12.58 35.17 4.80
CA SER B 40 -13.99 35.38 4.53
C SER B 40 -14.44 34.52 3.36
N HIS B 41 -15.75 34.33 3.24
CA HIS B 41 -16.31 33.50 2.19
C HIS B 41 -16.07 34.11 0.81
N GLY B 42 -15.20 33.48 0.03
CA GLY B 42 -14.88 33.94 -1.31
C GLY B 42 -13.77 34.97 -1.34
N LYS B 43 -13.35 35.43 -0.17
CA LYS B 43 -12.30 36.43 -0.07
C LYS B 43 -10.94 35.79 0.15
N SER B 44 -9.94 36.61 0.43
CA SER B 44 -8.58 36.13 0.60
C SER B 44 -8.21 35.93 2.07
N LEU B 45 -6.97 35.51 2.29
CA LEU B 45 -6.47 35.27 3.65
C LEU B 45 -6.09 36.59 4.31
N GLU B 46 -6.30 36.66 5.62
CA GLU B 46 -6.04 37.90 6.35
C GLU B 46 -5.39 37.61 7.70
N TRP B 47 -4.11 37.96 7.82
CA TRP B 47 -3.34 37.71 9.03
C TRP B 47 -3.83 38.56 10.20
N ILE B 48 -4.40 37.89 11.20
CA ILE B 48 -4.88 38.57 12.39
C ILE B 48 -3.71 38.93 13.30
N GLY B 49 -2.98 37.92 13.73
CA GLY B 49 -1.84 38.13 14.60
C GLY B 49 -1.15 36.86 15.06
N ASN B 50 -0.05 37.04 15.79
CA ASN B 50 0.72 35.92 16.32
C ASN B 50 0.88 36.04 17.83
N ILE B 51 1.42 34.99 18.43
CA ILE B 51 1.66 34.96 19.86
C ILE B 51 2.87 34.07 20.14
N ASN B 52 3.71 34.53 21.06
CA ASN B 52 4.87 33.79 21.53
C ASN B 52 4.47 32.96 22.74
N PRO B 53 4.49 31.63 22.59
CA PRO B 53 4.07 30.67 23.62
C PRO B 53 4.93 30.70 24.87
N ASN B 54 6.17 31.16 24.74
CA ASN B 54 7.11 31.17 25.86
C ASN B 54 6.70 32.15 26.94
N ASN B 55 6.13 33.28 26.54
CA ASN B 55 5.72 34.31 27.49
C ASN B 55 4.39 34.94 27.09
N GLY B 56 3.79 34.42 26.02
CA GLY B 56 2.56 34.97 25.51
C GLY B 56 2.78 36.30 24.81
N GLY B 57 3.90 36.40 24.11
CA GLY B 57 4.25 37.63 23.41
C GLY B 57 3.31 37.76 22.22
N THR B 58 2.33 38.65 22.36
CA THR B 58 1.31 38.82 21.34
C THR B 58 1.74 39.91 20.37
N SER B 59 1.34 39.75 19.11
CA SER B 59 1.58 40.77 18.09
C SER B 59 0.42 40.78 17.12
N TYR B 60 -0.42 41.82 17.23
CA TYR B 60 -1.65 41.89 16.45
C TYR B 60 -1.48 42.76 15.20
N ASN B 61 -2.52 42.76 14.36
CA ASN B 61 -2.58 43.63 13.20
C ASN B 61 -3.35 44.89 13.57
N GLN B 62 -3.02 46.01 12.93
CA GLN B 62 -3.69 47.28 13.20
C GLN B 62 -5.17 47.20 12.85
N LYS B 63 -5.51 46.32 11.90
CA LYS B 63 -6.89 46.15 11.48
C LYS B 63 -7.68 45.32 12.49
N PHE B 64 -6.97 44.63 13.37
CA PHE B 64 -7.62 43.76 14.35
C PHE B 64 -7.30 44.17 15.79
N LYS B 65 -6.72 45.36 15.96
CA LYS B 65 -6.42 45.87 17.30
C LYS B 65 -7.71 46.16 18.07
N GLY B 66 -7.95 45.41 19.13
CA GLY B 66 -9.15 45.57 19.94
C GLY B 66 -10.30 44.73 19.44
N LYS B 67 -10.04 43.87 18.47
CA LYS B 67 -11.06 43.00 17.90
C LYS B 67 -10.84 41.54 18.32
N ALA B 68 -9.58 41.12 18.30
CA ALA B 68 -9.24 39.75 18.66
C ALA B 68 -8.29 39.71 19.86
N THR B 69 -8.39 38.66 20.66
CA THR B 69 -7.52 38.49 21.81
C THR B 69 -6.89 37.10 21.81
N LEU B 70 -5.55 37.05 21.69
CA LEU B 70 -4.84 35.78 21.64
C LEU B 70 -4.29 35.38 23.00
N THR B 71 -4.50 34.12 23.37
CA THR B 71 -3.93 33.57 24.60
C THR B 71 -3.30 32.22 24.31
N VAL B 72 -2.57 31.68 25.28
CA VAL B 72 -1.87 30.42 25.08
C VAL B 72 -1.75 29.64 26.40
N ASP B 73 -1.66 28.32 26.30
CA ASP B 73 -1.48 27.45 27.45
C ASP B 73 -0.40 26.42 27.18
N LYS B 74 0.68 26.47 27.95
CA LYS B 74 1.80 25.56 27.77
C LYS B 74 1.56 24.21 28.43
N SER B 75 0.68 24.20 29.43
CA SER B 75 0.40 22.96 30.16
C SER B 75 -0.29 21.93 29.28
N SER B 76 -0.96 22.40 28.23
CA SER B 76 -1.64 21.51 27.30
C SER B 76 -1.28 21.83 25.85
N THR B 77 -0.37 22.81 25.68
CA THR B 77 0.08 23.27 24.37
C THR B 77 -1.09 23.63 23.47
N THR B 78 -1.91 24.58 23.92
CA THR B 78 -3.11 24.97 23.17
C THR B 78 -3.25 26.49 23.10
N ALA B 79 -3.48 26.99 21.88
CA ALA B 79 -3.67 28.42 21.67
C ALA B 79 -5.15 28.77 21.62
N TYR B 80 -5.49 30.02 21.93
CA TYR B 80 -6.87 30.47 21.93
C TYR B 80 -7.02 31.85 21.31
N MET B 81 -8.14 32.05 20.60
CA MET B 81 -8.47 33.35 20.05
C MET B 81 -9.91 33.73 20.40
N GLU B 82 -10.08 34.90 21.01
CA GLU B 82 -11.41 35.36 21.41
C GLU B 82 -11.84 36.59 20.62
N LEU B 83 -13.11 36.59 20.21
CA LEU B 83 -13.68 37.69 19.44
C LEU B 83 -14.90 38.28 20.16
N ARG B 84 -14.89 39.60 20.35
CA ARG B 84 -16.02 40.29 20.94
C ARG B 84 -16.63 41.26 19.94
N SER B 85 -17.84 41.73 20.24
CA SER B 85 -18.58 42.63 19.36
C SER B 85 -18.73 42.02 17.97
N LEU B 86 -19.37 40.85 17.91
CA LEU B 86 -19.48 40.09 16.67
C LEU B 86 -20.51 40.68 15.71
N THR B 87 -20.13 40.76 14.44
CA THR B 87 -21.03 41.24 13.40
C THR B 87 -21.08 40.25 12.24
N SER B 88 -21.85 40.58 11.21
CA SER B 88 -21.99 39.70 10.05
C SER B 88 -20.67 39.54 9.30
N GLU B 89 -19.78 40.52 9.45
CA GLU B 89 -18.47 40.47 8.81
C GLU B 89 -17.58 39.40 9.44
N ASP B 90 -17.80 39.13 10.72
CA ASP B 90 -16.99 38.16 11.44
C ASP B 90 -17.38 36.73 11.08
N SER B 91 -18.51 36.58 10.40
CA SER B 91 -18.95 35.27 9.93
C SER B 91 -17.94 34.85 8.87
N ALA B 92 -16.98 34.05 9.22
CA ALA B 92 -15.92 33.65 8.31
C ALA B 92 -15.24 32.39 8.83
N VAL B 93 -14.25 31.90 8.09
CA VAL B 93 -13.51 30.71 8.48
C VAL B 93 -12.16 31.11 9.05
N TYR B 94 -11.89 30.69 10.29
CA TYR B 94 -10.65 31.07 10.97
C TYR B 94 -9.69 29.89 11.09
N TYR B 95 -8.41 30.15 10.85
CA TYR B 95 -7.37 29.15 10.96
C TYR B 95 -6.33 29.54 12.00
N CYS B 96 -5.64 28.55 12.56
CA CYS B 96 -4.49 28.80 13.41
C CYS B 96 -3.28 28.07 12.83
N THR B 97 -2.27 28.84 12.43
CA THR B 97 -1.13 28.26 11.73
C THR B 97 0.20 28.51 12.44
N ARG B 98 1.05 27.50 12.45
CA ARG B 98 2.37 27.58 13.05
C ARG B 98 3.31 28.40 12.17
N SER B 99 4.22 29.16 12.78
CA SER B 99 5.20 29.90 11.99
C SER B 99 6.49 30.16 12.77
N PRO B 100 7.65 29.98 12.11
CA PRO B 100 8.94 30.26 12.74
C PRO B 100 9.20 31.76 12.87
N VAL B 101 10.39 32.13 13.34
CA VAL B 101 10.75 33.52 13.48
C VAL B 101 11.20 34.08 12.14
N ARG B 102 12.06 33.32 11.45
CA ARG B 102 12.58 33.75 10.16
C ARG B 102 13.12 32.56 9.37
N PRO B 103 12.67 32.41 8.10
CA PRO B 103 11.69 33.27 7.43
C PRO B 103 10.26 33.01 7.89
N TYR B 104 9.43 34.05 7.87
CA TYR B 104 8.09 33.96 8.44
C TYR B 104 7.08 33.35 7.48
N TYR B 105 7.13 32.04 7.32
CA TYR B 105 6.16 31.33 6.48
C TYR B 105 5.20 30.52 7.35
N PHE B 106 4.07 30.15 6.77
CA PHE B 106 3.08 29.35 7.48
C PHE B 106 3.13 27.89 7.03
N ASP B 107 3.93 27.09 7.72
CA ASP B 107 4.18 25.71 7.31
C ASP B 107 2.99 24.79 7.57
N TYR B 108 2.43 24.83 8.78
CA TYR B 108 1.33 23.95 9.14
C TYR B 108 0.09 24.73 9.54
N TRP B 109 -1.06 24.34 8.99
CA TRP B 109 -2.32 25.00 9.26
C TRP B 109 -3.29 24.09 10.01
N GLY B 110 -4.28 24.70 10.65
CA GLY B 110 -5.36 23.94 11.26
C GLY B 110 -6.44 23.65 10.23
N GLN B 111 -7.42 22.82 10.60
CA GLN B 111 -8.46 22.44 9.65
C GLN B 111 -9.46 23.57 9.41
N GLY B 112 -9.46 24.55 10.30
CA GLY B 112 -10.33 25.71 10.17
C GLY B 112 -11.53 25.68 11.10
N THR B 113 -12.16 26.84 11.27
CA THR B 113 -13.33 26.95 12.13
C THR B 113 -14.39 27.85 11.50
N THR B 114 -15.53 27.26 11.17
CA THR B 114 -16.62 28.00 10.56
C THR B 114 -17.43 28.78 11.59
N LEU B 115 -17.28 30.09 11.58
CA LEU B 115 -18.02 30.95 12.49
C LEU B 115 -19.21 31.59 11.79
N THR B 116 -20.37 31.54 12.42
CA THR B 116 -21.56 32.17 11.90
C THR B 116 -22.16 33.11 12.93
N VAL B 117 -22.18 34.40 12.60
CA VAL B 117 -22.72 35.41 13.50
C VAL B 117 -24.10 35.83 13.00
N SER B 118 -25.13 35.30 13.64
CA SER B 118 -26.50 35.61 13.27
C SER B 118 -27.45 35.31 14.42
N SER B 119 -28.58 36.01 14.45
CA SER B 119 -29.58 35.83 15.49
C SER B 119 -30.59 34.76 15.09
N ALA B 120 -30.37 34.15 13.93
CA ALA B 120 -31.28 33.13 13.41
C ALA B 120 -31.23 31.87 14.26
N LYS B 121 -32.39 31.25 14.44
CA LYS B 121 -32.51 30.05 15.27
C LYS B 121 -31.76 28.89 14.62
N THR B 122 -31.23 28.00 15.44
CA THR B 122 -30.54 26.81 14.95
C THR B 122 -31.61 25.82 14.46
N THR B 123 -31.79 25.75 13.15
CA THR B 123 -32.83 24.92 12.56
C THR B 123 -32.31 23.56 12.15
N PRO B 124 -32.99 22.48 12.60
CA PRO B 124 -32.64 21.11 12.21
C PRO B 124 -32.95 20.84 10.75
N PRO B 125 -32.07 20.10 10.06
CA PRO B 125 -32.20 19.81 8.63
C PRO B 125 -33.28 18.76 8.33
N SER B 126 -34.00 18.96 7.23
CA SER B 126 -35.01 18.00 6.79
C SER B 126 -34.40 17.02 5.80
N VAL B 127 -34.31 15.75 6.21
CA VAL B 127 -33.67 14.73 5.40
C VAL B 127 -34.70 13.93 4.61
N TYR B 128 -34.74 14.16 3.31
CA TYR B 128 -35.66 13.45 2.42
C TYR B 128 -34.90 12.71 1.34
N PRO B 129 -35.03 11.37 1.32
CA PRO B 129 -34.30 10.52 0.36
C PRO B 129 -34.70 10.78 -1.08
N LEU B 130 -33.78 10.52 -2.01
CA LEU B 130 -34.04 10.70 -3.44
C LEU B 130 -33.76 9.41 -4.20
N ALA B 131 -34.75 8.53 -4.27
CA ALA B 131 -34.60 7.24 -4.91
C ALA B 131 -35.08 7.27 -6.36
N PRO B 132 -34.33 6.60 -7.26
CA PRO B 132 -34.73 6.48 -8.67
C PRO B 132 -36.06 5.77 -8.84
N GLY B 133 -36.79 6.10 -9.90
CA GLY B 133 -38.08 5.50 -10.15
C GLY B 133 -38.01 4.02 -10.50
N CYS B 134 -39.16 3.36 -10.49
CA CYS B 134 -39.23 1.94 -10.83
C CYS B 134 -39.48 1.74 -12.32
N GLY B 135 -39.46 2.85 -13.07
CA GLY B 135 -39.67 2.80 -14.51
C GLY B 135 -38.45 3.25 -15.30
N ASP B 136 -37.36 3.52 -14.59
CA ASP B 136 -36.12 3.96 -15.22
C ASP B 136 -35.39 2.80 -15.88
N THR B 137 -34.49 3.11 -16.81
CA THR B 137 -33.70 2.10 -17.49
C THR B 137 -32.39 1.84 -16.77
N THR B 138 -32.31 0.69 -16.10
CA THR B 138 -31.11 0.31 -15.36
C THR B 138 -29.98 -0.04 -16.31
N GLY B 139 -29.09 0.92 -16.55
CA GLY B 139 -27.97 0.72 -17.44
C GLY B 139 -26.76 0.11 -16.76
N SER B 140 -25.58 0.58 -17.14
CA SER B 140 -24.34 0.09 -16.56
C SER B 140 -24.12 0.67 -15.17
N SER B 141 -24.78 1.79 -14.89
CA SER B 141 -24.64 2.45 -13.60
C SER B 141 -25.90 3.23 -13.22
N VAL B 142 -26.26 3.18 -11.95
CA VAL B 142 -27.40 3.89 -11.42
C VAL B 142 -26.92 5.02 -10.52
N THR B 143 -27.61 6.16 -10.58
CA THR B 143 -27.27 7.32 -9.76
C THR B 143 -28.27 7.49 -8.62
N LEU B 144 -27.76 7.57 -7.40
CA LEU B 144 -28.59 7.73 -6.22
C LEU B 144 -28.37 9.11 -5.60
N GLY B 145 -28.99 9.37 -4.45
CA GLY B 145 -28.82 10.64 -3.77
C GLY B 145 -29.80 10.92 -2.66
N CYS B 146 -29.52 11.95 -1.88
CA CYS B 146 -30.40 12.36 -0.78
C CYS B 146 -30.51 13.89 -0.73
N LEU B 147 -31.59 14.38 -0.14
CA LEU B 147 -31.89 15.80 -0.13
C LEU B 147 -31.98 16.36 1.29
N VAL B 148 -31.35 17.51 1.50
CA VAL B 148 -31.38 18.20 2.79
C VAL B 148 -32.03 19.57 2.61
N LYS B 149 -33.13 19.79 3.34
CA LYS B 149 -33.90 21.02 3.18
C LYS B 149 -34.14 21.74 4.50
N GLY B 150 -33.76 23.01 4.55
CA GLY B 150 -34.05 23.85 5.71
C GLY B 150 -33.21 23.58 6.94
N TYR B 151 -32.10 24.31 7.07
CA TYR B 151 -31.25 24.21 8.25
C TYR B 151 -30.38 25.45 8.38
N PHE B 152 -29.81 25.65 9.58
CA PHE B 152 -28.99 26.82 9.85
C PHE B 152 -28.03 26.55 11.00
N PRO B 153 -26.76 26.99 10.85
CA PRO B 153 -26.22 27.65 9.66
C PRO B 153 -25.67 26.68 8.63
N GLU B 154 -24.61 27.10 7.94
CA GLU B 154 -23.99 26.26 6.91
C GLU B 154 -23.07 25.25 7.61
N SER B 155 -23.69 24.33 8.34
CA SER B 155 -22.95 23.30 9.06
C SER B 155 -23.68 21.98 8.93
N VAL B 156 -23.36 21.23 7.89
CA VAL B 156 -24.00 19.93 7.65
C VAL B 156 -23.00 18.98 6.98
N THR B 157 -23.16 17.69 7.23
CA THR B 157 -22.26 16.70 6.66
C THR B 157 -23.01 15.44 6.23
N VAL B 158 -22.98 15.15 4.94
CA VAL B 158 -23.67 13.99 4.39
C VAL B 158 -22.67 12.93 3.95
N THR B 159 -22.67 11.80 4.67
CA THR B 159 -21.77 10.69 4.35
C THR B 159 -22.52 9.53 3.73
N TRP B 160 -21.77 8.56 3.20
CA TRP B 160 -22.38 7.40 2.55
C TRP B 160 -21.73 6.10 3.00
N ASN B 161 -22.46 5.31 3.78
CA ASN B 161 -22.01 4.00 4.25
C ASN B 161 -20.66 4.06 4.97
N SER B 162 -20.54 5.00 5.90
CA SER B 162 -19.33 5.18 6.70
C SER B 162 -18.09 5.41 5.84
N GLY B 163 -18.28 6.03 4.68
CA GLY B 163 -17.18 6.36 3.79
C GLY B 163 -16.63 5.19 2.99
N SER B 164 -17.49 4.27 2.66
CA SER B 164 -17.10 3.14 1.83
C SER B 164 -18.29 2.52 1.10
N LEU B 165 -18.34 2.69 -0.21
CA LEU B 165 -17.31 3.42 -0.96
C LEU B 165 -17.85 4.75 -1.48
N SER B 166 -16.98 5.68 -1.89
CA SER B 166 -17.37 7.01 -2.37
C SER B 166 -16.42 7.50 -3.45
N SER B 167 -16.21 6.60 -4.42
CA SER B 167 -15.52 6.84 -5.67
C SER B 167 -16.27 7.77 -6.60
N SER B 168 -17.59 7.62 -6.67
CA SER B 168 -18.38 8.35 -7.65
C SER B 168 -19.49 9.29 -7.24
N VAL B 169 -19.26 10.05 -6.18
CA VAL B 169 -20.27 10.91 -5.57
C VAL B 169 -20.08 12.41 -5.77
N HIS B 170 -21.20 13.11 -5.86
CA HIS B 170 -21.30 14.53 -6.19
C HIS B 170 -22.13 15.28 -5.15
N THR B 171 -21.49 16.18 -4.41
CA THR B 171 -22.17 16.96 -3.40
C THR B 171 -22.43 18.37 -3.92
N PHE B 172 -23.66 18.84 -3.79
CA PHE B 172 -24.04 20.16 -4.30
C PHE B 172 -24.07 21.20 -3.18
N PRO B 173 -23.48 22.38 -3.44
CA PRO B 173 -23.36 23.49 -2.48
C PRO B 173 -24.69 23.92 -1.89
N ALA B 174 -24.67 24.32 -0.62
CA ALA B 174 -25.87 24.75 0.07
C ALA B 174 -26.37 26.09 -0.45
N LEU B 175 -27.68 26.19 -0.67
CA LEU B 175 -28.29 27.44 -1.12
C LEU B 175 -29.12 28.05 0.00
N LEU B 176 -28.77 29.27 0.40
CA LEU B 176 -29.45 29.95 1.48
C LEU B 176 -30.71 30.66 0.98
N GLN B 177 -31.82 30.45 1.69
CA GLN B 177 -33.09 31.05 1.32
C GLN B 177 -34.02 31.13 2.53
N SER B 178 -34.60 32.30 2.75
CA SER B 178 -35.49 32.56 3.88
C SER B 178 -34.84 32.22 5.21
N GLY B 179 -33.52 32.40 5.29
CA GLY B 179 -32.78 32.13 6.50
C GLY B 179 -32.39 30.67 6.70
N LEU B 180 -32.81 29.82 5.77
CA LEU B 180 -32.52 28.39 5.86
C LEU B 180 -31.77 27.88 4.64
N TYR B 181 -30.74 27.07 4.88
CA TYR B 181 -29.96 26.49 3.80
C TYR B 181 -30.63 25.25 3.23
N THR B 182 -30.29 24.92 1.98
CA THR B 182 -30.84 23.74 1.32
C THR B 182 -29.84 23.18 0.31
N MET B 183 -29.47 21.92 0.49
CA MET B 183 -28.50 21.28 -0.39
C MET B 183 -28.92 19.85 -0.76
N SER B 184 -28.15 19.22 -1.63
CA SER B 184 -28.45 17.86 -2.07
C SER B 184 -27.17 17.10 -2.43
N SER B 185 -27.26 15.78 -2.45
CA SER B 185 -26.12 14.93 -2.77
C SER B 185 -26.51 13.76 -3.66
N SER B 186 -25.54 13.27 -4.44
CA SER B 186 -25.77 12.14 -5.34
C SER B 186 -24.56 11.21 -5.35
N VAL B 187 -24.75 10.00 -5.86
CA VAL B 187 -23.67 9.01 -5.91
C VAL B 187 -23.93 8.08 -7.09
N THR B 188 -22.91 7.88 -7.92
CA THR B 188 -23.04 7.00 -9.08
C THR B 188 -22.44 5.64 -8.75
N VAL B 189 -23.30 4.65 -8.56
CA VAL B 189 -22.84 3.29 -8.25
C VAL B 189 -23.31 2.33 -9.33
N PRO B 190 -22.48 1.32 -9.66
CA PRO B 190 -22.83 0.36 -10.72
C PRO B 190 -24.13 -0.41 -10.43
N SER B 191 -24.67 -1.07 -11.45
CA SER B 191 -25.92 -1.78 -11.31
C SER B 191 -25.72 -3.15 -10.66
N SER B 192 -24.50 -3.42 -10.23
CA SER B 192 -24.18 -4.69 -9.59
C SER B 192 -24.04 -4.53 -8.07
N THR B 193 -24.58 -3.45 -7.53
CA THR B 193 -24.53 -3.20 -6.10
C THR B 193 -25.81 -2.55 -5.58
N TRP B 194 -26.81 -2.46 -6.46
CA TRP B 194 -28.09 -1.85 -6.10
C TRP B 194 -29.25 -2.49 -6.85
N PRO B 195 -30.36 -2.76 -6.16
CA PRO B 195 -30.53 -2.54 -4.71
C PRO B 195 -30.17 -3.76 -3.87
N SER B 196 -29.06 -4.41 -4.20
CA SER B 196 -28.64 -5.61 -3.49
C SER B 196 -28.12 -5.37 -2.07
N GLN B 197 -27.09 -4.55 -1.96
CA GLN B 197 -26.47 -4.28 -0.66
C GLN B 197 -27.23 -3.16 0.05
N THR B 198 -26.68 -2.72 1.17
CA THR B 198 -27.30 -1.67 1.97
C THR B 198 -26.61 -0.32 1.73
N VAL B 199 -27.33 0.60 1.09
CA VAL B 199 -26.81 1.93 0.83
C VAL B 199 -27.63 2.95 1.61
N THR B 200 -27.00 3.57 2.61
CA THR B 200 -27.67 4.52 3.48
C THR B 200 -26.93 5.85 3.55
N CYS B 201 -27.64 6.95 3.30
CA CYS B 201 -27.05 8.27 3.40
C CYS B 201 -27.22 8.83 4.81
N SER B 202 -26.18 9.47 5.32
CA SER B 202 -26.22 10.03 6.66
C SER B 202 -26.11 11.56 6.62
N VAL B 203 -26.98 12.22 7.37
CA VAL B 203 -26.98 13.68 7.42
C VAL B 203 -26.79 14.16 8.85
N ALA B 204 -25.62 14.75 9.12
CA ALA B 204 -25.29 15.23 10.46
C ALA B 204 -25.31 16.75 10.50
N HIS B 205 -25.84 17.30 11.60
CA HIS B 205 -25.91 18.73 11.80
C HIS B 205 -25.32 19.09 13.16
N PRO B 206 -24.03 19.48 13.18
CA PRO B 206 -23.29 19.76 14.41
C PRO B 206 -23.82 20.97 15.18
N ALA B 207 -24.41 21.93 14.47
CA ALA B 207 -24.97 23.12 15.11
C ALA B 207 -26.16 22.75 15.97
N SER B 208 -27.00 21.85 15.45
CA SER B 208 -28.16 21.36 16.19
C SER B 208 -27.87 19.98 16.77
N SER B 209 -26.70 19.44 16.40
CA SER B 209 -26.26 18.11 16.86
C SER B 209 -27.29 17.03 16.55
N THR B 210 -27.81 17.04 15.34
CA THR B 210 -28.82 16.07 14.93
C THR B 210 -28.33 15.21 13.77
N THR B 211 -28.26 13.90 14.00
CA THR B 211 -27.81 12.97 12.97
C THR B 211 -28.96 12.09 12.49
N VAL B 212 -29.44 12.35 11.28
CA VAL B 212 -30.53 11.57 10.71
C VAL B 212 -30.02 10.73 9.54
N ASP B 213 -30.26 9.43 9.61
CA ASP B 213 -29.80 8.51 8.57
C ASP B 213 -30.99 7.95 7.80
N LYS B 214 -30.90 7.97 6.47
CA LYS B 214 -31.97 7.46 5.62
C LYS B 214 -31.43 6.49 4.57
N LYS B 215 -32.02 5.31 4.52
CA LYS B 215 -31.63 4.30 3.53
C LYS B 215 -32.48 4.47 2.27
N LEU B 216 -31.86 4.27 1.11
CA LEU B 216 -32.55 4.42 -0.16
C LEU B 216 -33.35 3.18 -0.51
N GLU B 217 -34.60 3.39 -0.94
CA GLU B 217 -35.47 2.28 -1.33
C GLU B 217 -36.18 2.59 -2.64
N PRO B 218 -36.03 1.71 -3.64
CA PRO B 218 -36.66 1.88 -4.95
C PRO B 218 -38.17 1.73 -4.90
N ASP C 1 1.54 49.85 5.26
CA ASP C 1 1.45 48.40 5.07
C ASP C 1 1.82 48.01 3.65
N ILE C 2 1.67 46.73 3.33
CA ILE C 2 2.06 46.21 2.03
C ILE C 2 0.84 45.61 1.31
N VAL C 3 0.72 45.89 0.02
CA VAL C 3 -0.39 45.39 -0.77
C VAL C 3 0.10 44.42 -1.84
N MET C 4 -0.25 43.15 -1.70
CA MET C 4 0.11 42.13 -2.69
C MET C 4 -1.01 42.01 -3.72
N THR C 5 -0.73 42.45 -4.94
CA THR C 5 -1.75 42.50 -5.99
C THR C 5 -1.63 41.35 -6.98
N GLN C 6 -2.70 40.56 -7.08
CA GLN C 6 -2.78 39.52 -8.10
C GLN C 6 -3.79 39.92 -9.17
N SER C 7 -3.28 40.30 -10.34
CA SER C 7 -4.11 40.81 -11.43
C SER C 7 -5.09 39.76 -11.95
N HIS C 8 -4.59 38.56 -12.18
CA HIS C 8 -5.42 37.49 -12.73
C HIS C 8 -6.13 36.71 -11.63
N LYS C 9 -7.44 36.94 -11.49
CA LYS C 9 -8.24 36.24 -10.51
C LYS C 9 -8.48 34.80 -10.93
N PHE C 10 -8.52 34.58 -12.24
CA PHE C 10 -8.74 33.24 -12.79
C PHE C 10 -7.76 32.95 -13.92
N MET C 11 -7.27 31.72 -13.99
CA MET C 11 -6.40 31.29 -15.08
C MET C 11 -6.78 29.91 -15.58
N SER C 12 -6.78 29.74 -16.89
CA SER C 12 -7.16 28.48 -17.51
C SER C 12 -5.94 27.76 -18.09
N THR C 13 -5.90 26.45 -17.92
CA THR C 13 -4.81 25.63 -18.45
C THR C 13 -5.27 24.20 -18.65
N SER C 14 -4.49 23.44 -19.42
CA SER C 14 -4.84 22.05 -19.68
C SER C 14 -3.91 21.10 -18.92
N VAL C 15 -4.31 19.85 -18.87
CA VAL C 15 -3.46 18.90 -18.21
C VAL C 15 -2.21 18.99 -19.04
N GLY C 16 -1.09 19.04 -18.35
CA GLY C 16 0.21 18.87 -18.96
C GLY C 16 0.82 20.14 -19.49
N ASP C 17 0.03 21.23 -19.46
CA ASP C 17 0.50 22.52 -19.94
C ASP C 17 1.34 23.25 -18.89
N ARG C 18 2.16 24.18 -19.35
CA ARG C 18 2.99 24.98 -18.46
C ARG C 18 2.23 26.23 -18.02
N VAL C 19 1.97 26.34 -16.72
CA VAL C 19 1.20 27.46 -16.20
C VAL C 19 2.06 28.27 -15.22
N SER C 20 1.85 29.59 -15.21
CA SER C 20 2.58 30.47 -14.30
C SER C 20 1.70 31.59 -13.78
N ILE C 21 1.78 31.85 -12.48
CA ILE C 21 0.99 32.90 -11.85
C ILE C 21 1.90 34.04 -11.41
N THR C 22 1.47 35.27 -11.62
CA THR C 22 2.27 36.44 -11.26
C THR C 22 1.76 37.08 -9.97
N CYS C 23 2.70 37.60 -9.18
CA CYS C 23 2.38 38.27 -7.93
C CYS C 23 3.04 39.64 -7.89
N LYS C 24 2.23 40.68 -7.78
CA LYS C 24 2.73 42.05 -7.73
C LYS C 24 2.65 42.62 -6.33
N ALA C 25 3.74 43.22 -5.86
CA ALA C 25 3.80 43.79 -4.53
C ALA C 25 3.79 45.31 -4.57
N SER C 26 3.61 45.94 -3.42
CA SER C 26 3.61 47.39 -3.31
C SER C 26 5.02 47.96 -3.47
N GLN C 27 5.89 47.64 -2.52
CA GLN C 27 7.28 48.07 -2.57
C GLN C 27 8.18 46.88 -2.88
N ASP C 28 9.49 47.10 -2.84
CA ASP C 28 10.45 46.03 -3.11
C ASP C 28 10.39 44.99 -2.00
N VAL C 29 10.52 43.72 -2.35
CA VAL C 29 10.48 42.70 -1.32
C VAL C 29 11.73 41.84 -1.31
N SER C 30 12.53 41.97 -2.35
CA SER C 30 13.70 41.14 -2.48
C SER C 30 13.29 39.66 -2.44
N THR C 31 13.99 38.85 -1.66
CA THR C 31 13.76 37.43 -1.59
C THR C 31 12.42 36.98 -1.08
N ALA C 32 11.82 37.69 -0.13
CA ALA C 32 10.71 37.13 0.62
C ALA C 32 9.32 37.22 0.03
N VAL C 33 8.95 36.12 -0.60
CA VAL C 33 7.60 35.78 -1.08
C VAL C 33 7.35 34.28 -0.95
N ALA C 34 6.20 33.95 -0.38
CA ALA C 34 5.81 32.55 -0.19
C ALA C 34 4.55 32.22 -0.97
N TRP C 35 4.51 31.02 -1.55
CA TRP C 35 3.35 30.57 -2.30
C TRP C 35 2.62 29.44 -1.57
N TYR C 36 1.32 29.65 -1.37
CA TYR C 36 0.48 28.69 -0.67
C TYR C 36 -0.58 28.09 -1.60
N GLN C 37 -0.92 26.83 -1.36
CA GLN C 37 -1.96 26.15 -2.13
C GLN C 37 -3.14 25.78 -1.25
N GLN C 38 -4.34 26.16 -1.66
CA GLN C 38 -5.54 25.84 -0.90
C GLN C 38 -6.59 25.14 -1.76
N LYS C 39 -6.75 23.84 -1.54
CA LYS C 39 -7.76 23.06 -2.24
C LYS C 39 -9.13 23.38 -1.67
N PRO C 40 -10.18 23.33 -2.53
CA PRO C 40 -11.56 23.63 -2.12
C PRO C 40 -12.04 22.76 -0.97
N GLY C 41 -12.23 23.36 0.20
CA GLY C 41 -12.70 22.65 1.37
C GLY C 41 -11.60 22.31 2.35
N GLN C 42 -10.36 22.58 1.96
CA GLN C 42 -9.21 22.29 2.81
C GLN C 42 -8.51 23.55 3.27
N SER C 43 -7.53 23.39 4.15
CA SER C 43 -6.72 24.49 4.63
C SER C 43 -5.58 24.76 3.65
N PRO C 44 -5.09 26.01 3.61
CA PRO C 44 -3.96 26.37 2.75
C PRO C 44 -2.72 25.52 3.04
N LYS C 45 -1.99 25.17 1.99
CA LYS C 45 -0.77 24.37 2.14
C LYS C 45 0.43 25.12 1.58
N LEU C 46 1.48 25.22 2.38
CA LEU C 46 2.70 25.90 1.97
C LEU C 46 3.44 25.13 0.88
N LEU C 47 3.71 25.80 -0.23
CA LEU C 47 4.45 25.19 -1.32
C LEU C 47 5.83 25.83 -1.47
N ILE C 48 5.86 27.15 -1.54
CA ILE C 48 7.11 27.86 -1.78
C ILE C 48 7.39 28.86 -0.67
N TYR C 49 8.66 28.99 -0.28
CA TYR C 49 9.07 30.04 0.64
C TYR C 49 10.35 30.70 0.12
N SER C 50 10.47 32.00 0.37
CA SER C 50 11.61 32.79 -0.10
C SER C 50 11.79 32.68 -1.61
N ALA C 51 10.81 33.19 -2.35
CA ALA C 51 10.86 33.29 -3.81
C ALA C 51 10.97 31.94 -4.52
N SER C 52 12.10 31.24 -4.35
CA SER C 52 12.37 30.07 -5.15
C SER C 52 12.41 28.76 -4.36
N TYR C 53 12.79 28.82 -3.09
CA TYR C 53 12.97 27.61 -2.28
C TYR C 53 11.67 26.83 -2.08
N ARG C 54 11.78 25.51 -2.12
CA ARG C 54 10.63 24.63 -1.91
C ARG C 54 10.62 24.11 -0.47
N TYR C 55 9.42 23.89 0.06
CA TYR C 55 9.27 23.35 1.41
C TYR C 55 9.30 21.83 1.37
N THR C 56 9.58 21.21 2.50
CA THR C 56 9.65 19.76 2.58
C THR C 56 8.29 19.12 2.34
N GLY C 57 8.26 18.04 1.56
CA GLY C 57 7.02 17.35 1.24
C GLY C 57 6.31 17.94 0.04
N VAL C 58 7.08 18.60 -0.83
CA VAL C 58 6.52 19.23 -2.02
C VAL C 58 7.16 18.64 -3.27
N PRO C 59 6.34 18.20 -4.24
CA PRO C 59 6.79 17.62 -5.51
C PRO C 59 7.73 18.55 -6.28
N ASP C 60 8.43 17.99 -7.28
CA ASP C 60 9.41 18.75 -8.04
C ASP C 60 8.76 19.57 -9.16
N ARG C 61 7.46 19.35 -9.37
CA ARG C 61 6.75 20.03 -10.45
C ARG C 61 6.38 21.46 -10.07
N PHE C 62 6.58 21.82 -8.80
CA PHE C 62 6.28 23.16 -8.33
C PHE C 62 7.56 23.98 -8.19
N THR C 63 7.65 25.09 -8.92
CA THR C 63 8.83 25.94 -8.87
C THR C 63 8.46 27.41 -8.62
N GLY C 64 9.42 28.18 -8.16
CA GLY C 64 9.22 29.59 -7.90
C GLY C 64 10.37 30.44 -8.40
N SER C 65 10.07 31.69 -8.77
CA SER C 65 11.08 32.59 -9.29
C SER C 65 10.66 34.05 -9.09
N GLY C 66 11.59 34.96 -9.33
CA GLY C 66 11.34 36.38 -9.16
C GLY C 66 12.18 37.03 -8.08
N SER C 67 12.50 38.30 -8.27
CA SER C 67 13.31 39.02 -7.30
C SER C 67 13.05 40.53 -7.37
N GLY C 68 12.23 41.03 -6.46
CA GLY C 68 11.90 42.43 -6.42
C GLY C 68 10.45 42.69 -6.02
N THR C 69 9.62 42.99 -7.01
CA THR C 69 8.20 43.24 -6.78
C THR C 69 7.34 42.23 -7.51
N ASP C 70 7.72 41.92 -8.75
CA ASP C 70 6.99 40.94 -9.55
C ASP C 70 7.59 39.55 -9.35
N PHE C 71 6.74 38.58 -9.01
CA PHE C 71 7.19 37.22 -8.78
C PHE C 71 6.37 36.22 -9.59
N THR C 72 6.93 35.04 -9.82
CA THR C 72 6.30 34.05 -10.68
C THR C 72 6.31 32.64 -10.09
N PHE C 73 5.12 32.04 -9.99
CA PHE C 73 4.99 30.66 -9.55
C PHE C 73 4.72 29.76 -10.76
N THR C 74 5.56 28.76 -10.95
CA THR C 74 5.50 27.96 -12.17
C THR C 74 5.20 26.48 -11.92
N ILE C 75 4.22 25.96 -12.65
CA ILE C 75 3.92 24.53 -12.67
C ILE C 75 4.13 24.01 -14.08
N SER C 76 4.96 22.99 -14.22
CA SER C 76 5.27 22.42 -15.52
C SER C 76 4.23 21.39 -15.96
N SER C 77 4.02 20.38 -15.15
CA SER C 77 3.05 19.33 -15.46
C SER C 77 1.81 19.43 -14.57
N VAL C 78 0.75 20.01 -15.11
CA VAL C 78 -0.49 20.18 -14.37
C VAL C 78 -1.24 18.84 -14.27
N GLN C 79 -1.43 18.38 -13.04
CA GLN C 79 -2.18 17.15 -12.80
C GLN C 79 -3.63 17.48 -12.45
N ALA C 80 -4.48 16.46 -12.44
CA ALA C 80 -5.89 16.65 -12.13
C ALA C 80 -6.08 17.06 -10.67
N GLU C 81 -5.14 16.65 -9.82
CA GLU C 81 -5.21 16.96 -8.40
C GLU C 81 -4.51 18.27 -8.06
N ASP C 82 -4.10 18.99 -9.09
CA ASP C 82 -3.48 20.30 -8.92
C ASP C 82 -4.53 21.41 -8.97
N LEU C 83 -5.79 21.02 -8.88
CA LEU C 83 -6.90 21.96 -8.91
C LEU C 83 -7.09 22.61 -7.54
N ALA C 84 -6.61 23.85 -7.41
CA ALA C 84 -6.72 24.57 -6.15
C ALA C 84 -6.54 26.07 -6.34
N VAL C 85 -6.78 26.83 -5.28
CA VAL C 85 -6.59 28.28 -5.30
C VAL C 85 -5.21 28.61 -4.75
N TYR C 86 -4.42 29.35 -5.53
CA TYR C 86 -3.06 29.67 -5.14
C TYR C 86 -2.92 31.10 -4.63
N TYR C 87 -2.22 31.26 -3.51
CA TYR C 87 -2.02 32.57 -2.90
C TYR C 87 -0.53 32.90 -2.81
N CYS C 88 -0.21 34.20 -2.85
CA CYS C 88 1.15 34.65 -2.61
C CYS C 88 1.18 35.64 -1.44
N GLN C 89 2.20 35.51 -0.60
CA GLN C 89 2.26 36.29 0.63
C GLN C 89 3.67 36.78 0.95
N GLN C 90 3.79 38.07 1.26
CA GLN C 90 5.07 38.65 1.65
C GLN C 90 5.34 38.38 3.12
N HIS C 91 6.63 38.28 3.48
CA HIS C 91 6.99 38.01 4.87
C HIS C 91 8.23 38.77 5.32
N TYR C 92 8.21 40.09 5.18
CA TYR C 92 9.32 40.92 5.64
C TYR C 92 8.85 42.01 6.60
N SER C 93 7.79 42.73 6.24
CA SER C 93 7.31 43.83 7.06
C SER C 93 6.02 43.48 7.77
N ILE C 94 5.83 44.06 8.95
CA ILE C 94 4.62 43.88 9.74
C ILE C 94 3.58 44.90 9.27
N PRO C 95 2.35 44.43 8.98
CA PRO C 95 1.88 43.05 9.10
C PRO C 95 2.09 42.23 7.83
N ARG C 96 1.91 40.92 7.94
CA ARG C 96 1.99 40.01 6.79
C ARG C 96 0.69 40.07 6.00
N THR C 97 0.80 40.36 4.71
CA THR C 97 -0.38 40.46 3.86
C THR C 97 -0.36 39.41 2.74
N PHE C 98 -1.56 39.06 2.26
CA PHE C 98 -1.68 38.07 1.20
C PHE C 98 -2.11 38.70 -0.11
N GLY C 99 -2.33 37.87 -1.12
CA GLY C 99 -2.79 38.33 -2.42
C GLY C 99 -4.26 38.02 -2.65
N GLY C 100 -4.76 38.40 -3.82
CA GLY C 100 -6.16 38.17 -4.15
C GLY C 100 -6.52 36.70 -4.29
N GLY C 101 -5.62 35.92 -4.86
CA GLY C 101 -5.85 34.51 -5.07
C GLY C 101 -6.22 34.18 -6.52
N THR C 102 -5.55 33.19 -7.08
CA THR C 102 -5.79 32.78 -8.46
C THR C 102 -6.37 31.37 -8.53
N LYS C 103 -7.64 31.28 -8.86
CA LYS C 103 -8.32 29.98 -8.99
C LYS C 103 -7.95 29.33 -10.32
N LEU C 104 -7.09 28.32 -10.26
CA LEU C 104 -6.60 27.66 -11.45
C LEU C 104 -7.57 26.60 -11.95
N GLU C 105 -8.37 26.97 -12.96
CA GLU C 105 -9.32 26.04 -13.56
C GLU C 105 -8.65 25.24 -14.67
N ILE C 106 -9.04 23.98 -14.80
CA ILE C 106 -8.41 23.08 -15.77
C ILE C 106 -9.25 22.96 -17.04
N LYS C 107 -8.60 23.10 -18.19
CA LYS C 107 -9.28 23.01 -19.48
C LYS C 107 -9.10 21.63 -20.11
N ARG C 108 -10.21 21.05 -20.55
CA ARG C 108 -10.18 19.74 -21.20
C ARG C 108 -11.19 19.66 -22.34
N ALA C 109 -11.43 18.44 -22.82
CA ALA C 109 -12.39 18.22 -23.90
C ALA C 109 -13.82 18.28 -23.37
N ASP C 110 -14.78 18.34 -24.29
CA ASP C 110 -16.19 18.42 -23.91
C ASP C 110 -16.70 17.07 -23.40
N ALA C 111 -17.76 17.12 -22.61
CA ALA C 111 -18.35 15.91 -22.05
C ALA C 111 -19.87 16.00 -22.02
N ALA C 112 -20.54 14.89 -22.31
CA ALA C 112 -21.99 14.84 -22.34
C ALA C 112 -22.63 14.77 -20.96
N PRO C 113 -23.34 15.84 -20.57
CA PRO C 113 -24.00 15.92 -19.26
C PRO C 113 -25.04 14.82 -19.04
N THR C 114 -24.73 13.87 -18.17
CA THR C 114 -25.68 12.84 -17.79
C THR C 114 -26.75 13.45 -16.88
N VAL C 115 -27.99 13.48 -17.38
CA VAL C 115 -29.10 14.08 -16.65
C VAL C 115 -29.97 13.00 -16.02
N SER C 116 -30.31 13.19 -14.75
CA SER C 116 -31.15 12.22 -14.04
C SER C 116 -32.22 12.93 -13.21
N ILE C 117 -33.48 12.68 -13.53
CA ILE C 117 -34.60 13.31 -12.84
C ILE C 117 -35.12 12.40 -11.74
N PHE C 118 -35.47 13.00 -10.60
CA PHE C 118 -35.92 12.23 -9.45
C PHE C 118 -37.23 12.78 -8.87
N PRO C 119 -38.17 11.87 -8.57
CA PRO C 119 -39.47 12.20 -7.97
C PRO C 119 -39.40 12.37 -6.45
N PRO C 120 -40.32 13.16 -5.89
CA PRO C 120 -40.41 13.36 -4.43
C PRO C 120 -40.68 12.06 -3.68
N SER C 121 -39.95 11.84 -2.59
CA SER C 121 -40.10 10.62 -1.80
C SER C 121 -41.35 10.69 -0.92
N SER C 122 -41.71 9.54 -0.35
CA SER C 122 -42.90 9.45 0.51
C SER C 122 -42.69 10.18 1.83
N GLU C 123 -41.44 10.24 2.29
CA GLU C 123 -41.12 10.92 3.52
C GLU C 123 -41.35 12.43 3.40
N GLN C 124 -41.14 12.94 2.20
CA GLN C 124 -41.37 14.36 1.93
C GLN C 124 -42.86 14.63 1.74
N LEU C 125 -43.57 13.64 1.19
CA LEU C 125 -45.01 13.75 1.00
C LEU C 125 -45.73 13.67 2.34
N THR C 126 -45.09 13.02 3.32
CA THR C 126 -45.66 12.92 4.65
C THR C 126 -45.70 14.28 5.33
N SER C 127 -44.63 15.06 5.15
CA SER C 127 -44.54 16.39 5.73
C SER C 127 -45.50 17.35 5.04
N GLY C 128 -45.66 17.21 3.73
CA GLY C 128 -46.56 18.05 2.97
C GLY C 128 -45.88 18.86 1.89
N GLY C 129 -44.88 18.27 1.25
CA GLY C 129 -44.15 18.93 0.18
C GLY C 129 -43.71 17.97 -0.90
N ALA C 130 -43.29 18.52 -2.05
CA ALA C 130 -42.86 17.67 -3.17
C ALA C 130 -41.91 18.42 -4.09
N SER C 131 -40.66 17.96 -4.12
CA SER C 131 -39.64 18.61 -4.94
C SER C 131 -39.07 17.66 -5.99
N VAL C 132 -39.32 18.00 -7.26
CA VAL C 132 -38.76 17.24 -8.37
C VAL C 132 -37.33 17.71 -8.61
N VAL C 133 -36.41 16.74 -8.71
CA VAL C 133 -34.99 17.07 -8.84
C VAL C 133 -34.49 16.75 -10.25
N CYS C 134 -33.52 17.52 -10.73
CA CYS C 134 -32.91 17.29 -12.03
C CYS C 134 -31.40 17.43 -11.93
N PHE C 135 -30.71 16.29 -11.84
CA PHE C 135 -29.26 16.28 -11.69
C PHE C 135 -28.53 16.30 -13.03
N LEU C 136 -27.45 17.07 -13.09
CA LEU C 136 -26.61 17.14 -14.29
C LEU C 136 -25.17 16.83 -13.90
N ASN C 137 -24.69 15.65 -14.28
CA ASN C 137 -23.37 15.19 -13.86
C ASN C 137 -22.41 15.02 -15.04
N ASN C 138 -21.12 15.28 -14.78
CA ASN C 138 -20.05 15.05 -15.74
C ASN C 138 -20.23 15.80 -17.06
N PHE C 139 -19.86 17.08 -17.07
CA PHE C 139 -19.88 17.87 -18.29
C PHE C 139 -18.89 19.02 -18.23
N TYR C 140 -18.65 19.66 -19.37
CA TYR C 140 -17.70 20.75 -19.46
C TYR C 140 -17.99 21.61 -20.69
N PRO C 141 -17.93 22.94 -20.53
CA PRO C 141 -17.60 23.66 -19.29
C PRO C 141 -18.79 23.89 -18.38
N LYS C 142 -18.70 24.95 -17.57
CA LYS C 142 -19.73 25.28 -16.59
C LYS C 142 -20.99 25.81 -17.25
N ASP C 143 -20.82 26.59 -18.31
CA ASP C 143 -21.95 27.21 -19.00
C ASP C 143 -22.87 26.18 -19.63
N ILE C 144 -24.12 26.14 -19.16
CA ILE C 144 -25.11 25.21 -19.67
C ILE C 144 -26.51 25.70 -19.30
N ASN C 145 -27.43 25.61 -20.25
CA ASN C 145 -28.81 26.04 -20.01
C ASN C 145 -29.65 24.90 -19.43
N VAL C 146 -30.55 25.24 -18.51
CA VAL C 146 -31.44 24.26 -17.92
C VAL C 146 -32.89 24.73 -18.01
N LYS C 147 -33.72 23.96 -18.70
CA LYS C 147 -35.12 24.33 -18.87
C LYS C 147 -36.05 23.30 -18.23
N TRP C 148 -37.03 23.80 -17.48
CA TRP C 148 -37.99 22.94 -16.79
C TRP C 148 -39.32 22.88 -17.51
N LYS C 149 -39.99 21.74 -17.38
CA LYS C 149 -41.29 21.50 -18.01
C LYS C 149 -42.17 20.62 -17.12
N ILE C 150 -43.14 21.24 -16.44
CA ILE C 150 -44.14 20.48 -15.64
C ILE C 150 -45.17 19.62 -16.40
N ASP C 151 -45.80 20.19 -17.43
CA ASP C 151 -46.66 19.44 -18.34
C ASP C 151 -46.61 20.06 -19.73
N GLY C 152 -45.42 20.21 -20.28
CA GLY C 152 -45.24 20.80 -21.59
C GLY C 152 -44.98 22.30 -21.53
N SER C 153 -45.38 22.91 -20.42
CA SER C 153 -45.18 24.34 -20.22
C SER C 153 -43.84 24.61 -19.52
N GLU C 154 -43.12 25.61 -20.01
CA GLU C 154 -41.83 25.96 -19.45
C GLU C 154 -41.96 26.55 -18.05
N ARG C 155 -41.64 25.74 -17.04
CA ARG C 155 -41.69 26.21 -15.66
C ARG C 155 -40.42 26.98 -15.32
N GLN C 156 -40.60 28.13 -14.66
CA GLN C 156 -39.46 28.98 -14.34
C GLN C 156 -39.44 29.34 -12.85
N ASN C 157 -40.58 29.18 -12.20
CA ASN C 157 -40.69 29.49 -10.78
C ASN C 157 -40.37 28.28 -9.90
N GLY C 158 -39.65 28.52 -8.81
CA GLY C 158 -39.29 27.46 -7.90
C GLY C 158 -38.12 26.62 -8.37
N VAL C 159 -37.32 27.19 -9.27
CA VAL C 159 -36.17 26.48 -9.82
C VAL C 159 -34.86 27.05 -9.25
N LEU C 160 -34.02 26.17 -8.71
CA LEU C 160 -32.73 26.58 -8.17
C LEU C 160 -31.59 25.81 -8.81
N ASN C 161 -30.69 26.53 -9.47
CA ASN C 161 -29.52 25.92 -10.09
C ASN C 161 -28.30 26.01 -9.17
N SER C 162 -27.63 24.89 -8.96
CA SER C 162 -26.47 24.85 -8.09
C SER C 162 -25.27 24.22 -8.80
N TRP C 163 -24.28 25.06 -9.13
CA TRP C 163 -23.05 24.59 -9.76
C TRP C 163 -21.99 24.27 -8.72
N THR C 164 -21.43 23.06 -8.80
CA THR C 164 -20.33 22.69 -7.92
C THR C 164 -19.01 23.18 -8.49
N ASP C 165 -17.94 23.06 -7.72
CA ASP C 165 -16.61 23.40 -8.21
C ASP C 165 -16.13 22.31 -9.17
N GLN C 166 -15.04 22.59 -9.87
CA GLN C 166 -14.49 21.64 -10.83
C GLN C 166 -14.01 20.38 -10.12
N ASP C 167 -13.93 19.27 -10.85
CA ASP C 167 -13.51 18.00 -10.27
C ASP C 167 -11.99 17.85 -10.31
N SER C 168 -11.45 17.04 -9.41
CA SER C 168 -10.01 16.87 -9.30
C SER C 168 -9.53 15.51 -9.80
N LYS C 169 -10.41 14.81 -10.51
CA LYS C 169 -10.08 13.50 -11.06
C LYS C 169 -10.11 13.52 -12.58
N ASP C 170 -11.23 13.93 -13.14
CA ASP C 170 -11.39 14.01 -14.60
C ASP C 170 -11.74 15.43 -15.03
N SER C 171 -11.79 16.35 -14.06
CA SER C 171 -12.07 17.75 -14.31
C SER C 171 -13.40 17.96 -15.04
N THR C 172 -14.50 17.53 -14.42
CA THR C 172 -15.83 17.71 -15.00
C THR C 172 -16.78 18.34 -13.99
N TYR C 173 -17.42 19.43 -14.39
CA TYR C 173 -18.37 20.14 -13.52
C TYR C 173 -19.66 19.35 -13.33
N SER C 174 -20.44 19.75 -12.33
CA SER C 174 -21.73 19.12 -12.06
C SER C 174 -22.66 20.13 -11.41
N MET C 175 -23.94 20.09 -11.79
CA MET C 175 -24.92 21.02 -11.25
C MET C 175 -26.23 20.33 -10.92
N SER C 176 -27.04 20.98 -10.09
CA SER C 176 -28.33 20.44 -9.70
C SER C 176 -29.45 21.47 -9.87
N SER C 177 -30.48 21.10 -10.60
CA SER C 177 -31.64 21.96 -10.79
C SER C 177 -32.80 21.45 -9.93
N THR C 178 -33.22 22.27 -8.97
CA THR C 178 -34.25 21.85 -8.02
C THR C 178 -35.59 22.54 -8.28
N LEU C 179 -36.65 21.76 -8.36
CA LEU C 179 -38.00 22.31 -8.50
C LEU C 179 -38.84 21.97 -7.27
N THR C 180 -38.91 22.93 -6.34
CA THR C 180 -39.65 22.73 -5.11
C THR C 180 -41.11 23.18 -5.26
N LEU C 181 -42.03 22.25 -5.03
CA LEU C 181 -43.46 22.54 -5.16
C LEU C 181 -44.26 21.96 -3.99
N THR C 182 -45.51 22.38 -3.90
CA THR C 182 -46.40 21.91 -2.84
C THR C 182 -46.95 20.52 -3.20
N LYS C 183 -47.52 19.84 -2.20
CA LYS C 183 -48.08 18.51 -2.40
C LYS C 183 -49.37 18.57 -3.21
N ASP C 184 -50.18 19.59 -2.93
CA ASP C 184 -51.46 19.77 -3.60
C ASP C 184 -51.29 19.98 -5.11
N GLU C 185 -50.28 20.76 -5.47
CA GLU C 185 -49.99 21.02 -6.88
C GLU C 185 -49.31 19.81 -7.52
N TYR C 186 -48.60 19.04 -6.69
CA TYR C 186 -47.91 17.84 -7.17
C TYR C 186 -48.90 16.73 -7.50
N GLU C 187 -50.00 16.67 -6.76
CA GLU C 187 -51.01 15.64 -6.98
C GLU C 187 -52.03 16.08 -8.03
N ARG C 188 -51.68 17.09 -8.81
CA ARG C 188 -52.53 17.54 -9.91
C ARG C 188 -51.79 17.46 -11.23
N HIS C 189 -50.59 16.90 -11.20
CA HIS C 189 -49.79 16.70 -12.41
C HIS C 189 -49.10 15.34 -12.37
N ASN C 190 -48.93 14.73 -13.53
CA ASN C 190 -48.39 13.37 -13.61
C ASN C 190 -46.97 13.14 -14.11
N SER C 191 -46.70 13.57 -15.34
CA SER C 191 -45.41 13.31 -15.98
C SER C 191 -44.63 14.61 -15.96
N TYR C 192 -43.49 14.60 -15.26
CA TYR C 192 -42.60 15.75 -15.22
C TYR C 192 -41.46 15.58 -16.23
N THR C 193 -40.91 16.69 -16.68
CA THR C 193 -39.87 16.68 -17.71
C THR C 193 -38.87 17.82 -17.56
N CYS C 194 -37.60 17.49 -17.33
CA CYS C 194 -36.56 18.52 -17.31
C CYS C 194 -35.55 18.28 -18.44
N GLU C 195 -35.14 19.35 -19.09
CA GLU C 195 -34.21 19.25 -20.21
C GLU C 195 -33.03 20.20 -20.03
N ALA C 196 -31.94 19.92 -20.73
CA ALA C 196 -30.73 20.73 -20.62
C ALA C 196 -30.12 20.99 -22.00
N THR C 197 -29.74 22.24 -22.24
CA THR C 197 -29.10 22.63 -23.48
C THR C 197 -27.61 22.89 -23.26
N HIS C 198 -26.77 22.10 -23.93
CA HIS C 198 -25.33 22.22 -23.80
C HIS C 198 -24.69 22.42 -25.18
N LYS C 199 -23.38 22.59 -25.20
CA LYS C 199 -22.66 22.84 -26.45
C LYS C 199 -22.15 21.55 -27.09
N THR C 200 -22.23 20.45 -26.35
CA THR C 200 -21.80 19.16 -26.88
C THR C 200 -22.73 18.70 -28.00
N SER C 201 -24.03 18.93 -27.82
CA SER C 201 -25.01 18.57 -28.83
C SER C 201 -26.07 19.66 -28.94
N THR C 202 -26.59 19.86 -30.15
CA THR C 202 -27.60 20.89 -30.40
C THR C 202 -28.93 20.52 -29.76
N SER C 203 -29.23 19.23 -29.71
CA SER C 203 -30.48 18.75 -29.14
C SER C 203 -30.39 18.64 -27.62
N PRO C 204 -31.23 19.41 -26.91
CA PRO C 204 -31.26 19.40 -25.44
C PRO C 204 -31.64 18.03 -24.88
N ILE C 205 -30.89 17.55 -23.90
CA ILE C 205 -31.15 16.27 -23.27
C ILE C 205 -32.46 16.36 -22.47
N VAL C 206 -33.38 15.46 -22.76
CA VAL C 206 -34.71 15.49 -22.16
C VAL C 206 -34.95 14.28 -21.26
N LYS C 207 -35.39 14.54 -20.03
CA LYS C 207 -35.73 13.48 -19.10
C LYS C 207 -37.16 13.66 -18.58
N SER C 208 -37.86 12.55 -18.40
CA SER C 208 -39.26 12.60 -17.97
C SER C 208 -39.61 11.41 -17.07
N PHE C 209 -40.66 11.57 -16.27
CA PHE C 209 -41.17 10.46 -15.47
C PHE C 209 -42.66 10.63 -15.18
N ASN C 210 -43.30 9.56 -14.71
CA ASN C 210 -44.71 9.60 -14.38
C ASN C 210 -44.93 9.51 -12.87
N ARG C 211 -45.95 10.20 -12.38
CA ARG C 211 -46.27 10.18 -10.96
C ARG C 211 -47.05 8.93 -10.59
N ASN C 212 -47.67 8.31 -11.59
CA ASN C 212 -48.50 7.13 -11.39
C ASN C 212 -47.68 5.92 -10.92
N GLU C 213 -47.07 6.04 -9.75
CA GLU C 213 -46.26 4.98 -9.15
C GLU C 213 -45.20 4.47 -10.11
N CYS C 214 -44.41 5.39 -10.66
CA CYS C 214 -43.32 5.11 -11.59
C CYS C 214 -43.61 3.95 -12.56
#